data_7CDE
#
_entry.id   7CDE
#
_cell.length_a   121.597
_cell.length_b   179.935
_cell.length_c   232.632
_cell.angle_alpha   90.00
_cell.angle_beta   90.00
_cell.angle_gamma   90.00
#
_symmetry.space_group_name_H-M   'I 2 2 2'
#
loop_
_entity.id
_entity.type
_entity.pdbx_description
1 polymer 'Lysine-specific histone demethylase 1A'
2 polymer 'REST corepressor 1'
3 polymer PRO-ARG-SER-PHE-LEU-VAL-ARG-LYS-ARG
4 non-polymer 'FLAVIN-ADENINE DINUCLEOTIDE'
5 non-polymer GLYCEROL
6 water water
#
loop_
_entity_poly.entity_id
_entity_poly.type
_entity_poly.pdbx_seq_one_letter_code
_entity_poly.pdbx_strand_id
1 'polypeptide(L)'
;GPLGSHMSGVEGAAFQSRLPHDRMTSQEAACFPDIISGPQQTQKVFLFIRNRTLQLWLDNPKIQLTFEATLQQLEAPYNS
DTVLVHRVHSYLERHGLINFGIYKRIKPLPTKKTGKVIIIGSGVSGLAAARQLQSFGMDVTLLEARDRVGGRVATFRKGN
YVADLGAMVVTGLGGNPMAVVSKQVNMELAKIKQKCPLYEANGQAVPKEKDEMVEQEFNRLLEATSYLSHQLDFNVLNNK
PVSLGQALEVVIQLQEKHVKDEQIEHWKKIVKTQEELKELLNKMVNLKEKIKELHQQYKEASEVKPPRDITAEFLVKSKH
RDLTALCKEYDELAETQGKLEEKLQELEANPPSDVYLSSRDRQILDWHFANLEFANATPLSTLSLKHWDQDDDFEFTGSH
LTVRNGYSCVPVALAEGLDIKLNTAVRQVRYTASGCEVIAVNTRSTSQTFIYKCDAVLCTLPLGVLKQQPPAVQFVPPLP
EWKTSAVQRMGFGNLNKVVLCFDRVFWDPSVNLFGHVGSTTASRGELFLFWNLYKAPILLALVAGEAAGIMENISDDVIV
GRCLAILKGIFGSSAVPQPKETVVSRWRADPWARGSYSYVAAGSSGNDYDLMAQPITPGPSIPGAPQPIPRLFFAGEHTI
RNYPATVHGALLSGLREAGRIADQFLGAM
;
A
2 'polypeptide(L)'
;GSSGSASRKPPKGMFLSQEDVEAVSANATAATTVLRQLDMELVSVKRQIQNIKQTNSALKEKLDGGIEPYRLPEVIQKCN
ARWTTEEQLLAVQAIRKYGRDFQAISDVIGNKSVVQVKNFFVNYRRRFNIDEVLQEWEAE
;
B
3 'polypeptide(L)' PRSFLVRKR C
#
# COMPACT_ATOMS: atom_id res chain seq x y z
N SER A 8 29.36 -6.80 -15.22
CA SER A 8 30.81 -6.48 -15.42
C SER A 8 31.40 -5.93 -14.12
N GLY A 9 32.73 -5.74 -14.08
CA GLY A 9 33.47 -5.19 -12.93
C GLY A 9 33.47 -3.67 -12.91
N VAL A 10 33.70 -3.02 -14.07
CA VAL A 10 33.67 -1.54 -14.22
C VAL A 10 32.22 -1.05 -14.08
N GLU A 11 31.28 -1.74 -14.72
CA GLU A 11 29.83 -1.39 -14.69
C GLU A 11 29.30 -1.55 -13.27
N GLY A 12 29.79 -2.55 -12.52
CA GLY A 12 29.35 -2.87 -11.15
C GLY A 12 29.85 -1.87 -10.13
N ALA A 13 30.98 -1.21 -10.41
CA ALA A 13 31.60 -0.16 -9.57
C ALA A 13 30.73 1.09 -9.60
N ALA A 14 30.27 1.47 -10.80
CA ALA A 14 29.31 2.58 -11.01
C ALA A 14 28.03 2.31 -10.21
N PHE A 15 27.52 1.09 -10.27
CA PHE A 15 26.28 0.66 -9.56
C PHE A 15 26.51 0.78 -8.05
N GLN A 16 27.66 0.29 -7.56
CA GLN A 16 28.01 0.27 -6.12
C GLN A 16 28.25 1.70 -5.63
N SER A 17 28.53 2.63 -6.55
CA SER A 17 28.76 4.07 -6.25
C SER A 17 27.50 4.90 -6.57
N ARG A 18 26.38 4.22 -6.85
CA ARG A 18 25.05 4.81 -7.15
C ARG A 18 25.17 5.77 -8.33
N LEU A 19 25.95 5.38 -9.35
CA LEU A 19 26.20 6.16 -10.58
C LEU A 19 25.76 5.34 -11.78
N PRO A 20 25.17 5.98 -12.81
CA PRO A 20 24.92 5.30 -14.09
C PRO A 20 26.24 5.08 -14.86
N HIS A 21 26.56 3.82 -15.16
CA HIS A 21 27.86 3.38 -15.75
C HIS A 21 28.09 4.02 -17.12
N ASP A 22 27.03 4.29 -17.87
CA ASP A 22 27.08 4.62 -19.33
C ASP A 22 26.71 6.08 -19.57
N ARG A 23 26.65 6.91 -18.53
CA ARG A 23 26.21 8.32 -18.65
C ARG A 23 26.87 9.19 -17.58
N MET A 24 27.09 10.46 -17.88
CA MET A 24 27.67 11.45 -16.95
C MET A 24 26.51 12.08 -16.15
N THR A 25 26.70 12.23 -14.83
CA THR A 25 25.72 12.80 -13.87
C THR A 25 25.76 14.33 -13.96
N SER A 26 24.77 15.00 -13.35
CA SER A 26 24.71 16.48 -13.23
C SER A 26 25.98 17.02 -12.54
N GLN A 27 26.39 16.38 -11.44
CA GLN A 27 27.58 16.77 -10.64
C GLN A 27 28.82 16.73 -11.55
N GLU A 28 28.94 15.70 -12.38
CA GLU A 28 30.07 15.50 -13.33
C GLU A 28 30.03 16.60 -14.40
N ALA A 29 28.86 16.85 -14.99
CA ALA A 29 28.65 17.92 -15.99
C ALA A 29 29.20 19.25 -15.48
N ALA A 30 29.06 19.51 -14.17
CA ALA A 30 29.44 20.79 -13.54
C ALA A 30 30.96 20.91 -13.45
N CYS A 31 31.64 19.81 -13.12
CA CYS A 31 33.12 19.73 -12.89
C CYS A 31 33.86 19.40 -14.20
N PHE A 32 33.16 18.94 -15.24
CA PHE A 32 33.72 18.50 -16.54
C PHE A 32 32.82 18.99 -17.67
N PRO A 33 32.50 20.31 -17.71
CA PRO A 33 31.63 20.86 -18.75
C PRO A 33 32.23 20.71 -20.15
N ASP A 34 33.55 20.89 -20.26
CA ASP A 34 34.33 20.70 -21.51
C ASP A 34 33.99 19.35 -22.12
N ILE A 35 33.97 18.29 -21.29
CA ILE A 35 33.82 16.87 -21.73
C ILE A 35 32.37 16.59 -22.14
N ILE A 36 31.41 16.84 -21.25
CA ILE A 36 29.98 16.47 -21.48
C ILE A 36 29.40 17.27 -22.64
N SER A 37 29.90 18.49 -22.90
CA SER A 37 29.43 19.37 -24.00
C SER A 37 30.06 18.96 -25.34
N GLY A 38 31.04 18.04 -25.30
CA GLY A 38 31.92 17.71 -26.43
C GLY A 38 31.66 16.32 -27.00
N PRO A 39 32.65 15.74 -27.73
CA PRO A 39 32.50 14.46 -28.42
C PRO A 39 32.18 13.22 -27.59
N GLN A 40 31.32 12.34 -28.11
CA GLN A 40 30.86 11.08 -27.46
C GLN A 40 32.05 10.21 -27.02
N GLN A 41 33.13 10.15 -27.82
CA GLN A 41 34.28 9.25 -27.56
C GLN A 41 34.98 9.70 -26.27
N THR A 42 35.20 11.02 -26.10
CA THR A 42 35.88 11.59 -24.91
C THR A 42 35.05 11.26 -23.66
N GLN A 43 33.72 11.32 -23.76
CA GLN A 43 32.77 11.01 -22.66
C GLN A 43 32.95 9.55 -22.21
N LYS A 44 32.98 8.61 -23.16
CA LYS A 44 33.15 7.14 -22.89
C LYS A 44 34.52 6.91 -22.21
N VAL A 45 35.54 7.67 -22.62
CA VAL A 45 36.91 7.62 -22.03
C VAL A 45 36.80 8.11 -20.58
N PHE A 46 36.18 9.27 -20.37
CA PHE A 46 35.93 9.85 -19.03
C PHE A 46 35.21 8.80 -18.16
N LEU A 47 34.11 8.24 -18.67
CA LEU A 47 33.23 7.30 -17.94
C LEU A 47 34.03 6.05 -17.55
N PHE A 48 34.88 5.53 -18.43
CA PHE A 48 35.72 4.33 -18.14
C PHE A 48 36.75 4.69 -17.05
N ILE A 49 37.39 5.86 -17.15
CA ILE A 49 38.42 6.28 -16.17
C ILE A 49 37.75 6.34 -14.80
N ARG A 50 36.59 7.01 -14.73
CA ARG A 50 35.77 7.14 -13.50
C ARG A 50 35.45 5.74 -12.98
N ASN A 51 34.75 4.94 -13.79
CA ASN A 51 34.27 3.58 -13.43
C ASN A 51 35.45 2.74 -12.94
N ARG A 52 36.60 2.81 -13.62
CA ARG A 52 37.81 2.01 -13.32
C ARG A 52 38.42 2.47 -11.98
N THR A 53 38.59 3.78 -11.79
CA THR A 53 39.10 4.38 -10.52
C THR A 53 38.26 3.88 -9.35
N LEU A 54 36.93 3.92 -9.51
CA LEU A 54 35.96 3.45 -8.48
C LEU A 54 36.22 1.98 -8.18
N GLN A 55 36.29 1.15 -9.23
CA GLN A 55 36.52 -0.32 -9.12
C GLN A 55 37.75 -0.56 -8.25
N LEU A 56 38.85 0.15 -8.54
CA LEU A 56 40.15 -0.02 -7.81
C LEU A 56 39.95 0.28 -6.32
N TRP A 57 39.31 1.41 -6.01
CA TRP A 57 38.99 1.82 -4.61
C TRP A 57 38.15 0.73 -3.93
N LEU A 58 37.07 0.30 -4.61
CA LEU A 58 36.06 -0.63 -4.04
C LEU A 58 36.69 -2.00 -3.71
N ASP A 59 37.63 -2.45 -4.55
CA ASP A 59 38.34 -3.76 -4.44
C ASP A 59 39.27 -3.75 -3.22
N ASN A 60 39.86 -2.60 -2.88
CA ASN A 60 40.72 -2.45 -1.68
C ASN A 60 40.43 -1.12 -0.99
N PRO A 61 39.30 -1.04 -0.24
CA PRO A 61 38.93 0.18 0.46
C PRO A 61 39.66 0.41 1.80
N LYS A 62 40.52 -0.53 2.21
CA LYS A 62 41.26 -0.47 3.51
C LYS A 62 42.55 0.36 3.36
N ILE A 63 42.98 0.66 2.13
CA ILE A 63 44.18 1.50 1.85
C ILE A 63 43.78 2.63 0.88
N GLN A 64 44.36 3.81 1.07
CA GLN A 64 44.15 5.01 0.21
C GLN A 64 44.51 4.65 -1.23
N LEU A 65 43.68 5.05 -2.18
CA LEU A 65 43.99 4.99 -3.64
C LEU A 65 44.52 6.36 -4.08
N THR A 66 45.83 6.44 -4.33
CA THR A 66 46.52 7.66 -4.83
C THR A 66 46.24 7.83 -6.33
N PHE A 67 46.54 9.02 -6.87
CA PHE A 67 46.43 9.33 -8.31
C PHE A 67 47.44 8.52 -9.11
N GLU A 68 48.66 8.39 -8.58
CA GLU A 68 49.78 7.67 -9.22
C GLU A 68 49.39 6.20 -9.36
N ALA A 69 48.87 5.59 -8.27
CA ALA A 69 48.42 4.19 -8.23
C ALA A 69 47.31 3.95 -9.27
N THR A 70 46.43 4.94 -9.45
CA THR A 70 45.30 4.90 -10.42
C THR A 70 45.89 4.83 -11.84
N LEU A 71 46.80 5.76 -12.15
CA LEU A 71 47.43 5.93 -13.49
C LEU A 71 48.19 4.65 -13.86
N GLN A 72 48.89 4.03 -12.90
CA GLN A 72 49.68 2.79 -13.09
C GLN A 72 48.75 1.67 -13.60
N GLN A 73 47.57 1.51 -13.01
CA GLN A 73 46.67 0.35 -13.26
C GLN A 73 45.69 0.65 -14.42
N LEU A 74 45.79 1.83 -15.04
CA LEU A 74 45.04 2.19 -16.27
C LEU A 74 45.84 1.75 -17.50
N GLU A 75 45.18 1.07 -18.45
CA GLU A 75 45.76 0.70 -19.77
C GLU A 75 45.38 1.75 -20.81
N ALA A 76 46.21 1.93 -21.85
CA ALA A 76 46.00 2.88 -22.96
C ALA A 76 44.76 2.46 -23.76
N PRO A 77 44.05 3.37 -24.47
CA PRO A 77 44.41 4.79 -24.53
C PRO A 77 43.85 5.65 -23.39
N TYR A 78 43.42 5.03 -22.28
CA TYR A 78 42.75 5.68 -21.13
C TYR A 78 43.79 6.37 -20.24
N ASN A 79 45.00 5.81 -20.17
CA ASN A 79 46.14 6.36 -19.38
C ASN A 79 46.95 7.35 -20.24
N SER A 80 46.55 7.53 -21.50
CA SER A 80 47.12 8.53 -22.45
C SER A 80 47.10 9.93 -21.79
N ASP A 81 45.91 10.46 -21.54
CA ASP A 81 45.70 11.83 -20.99
C ASP A 81 45.88 11.79 -19.47
N THR A 82 46.99 12.31 -18.95
CA THR A 82 47.35 12.26 -17.50
C THR A 82 46.56 13.32 -16.73
N VAL A 83 46.27 14.48 -17.33
CA VAL A 83 45.49 15.57 -16.66
C VAL A 83 44.04 15.11 -16.49
N LEU A 84 43.43 14.51 -17.52
CA LEU A 84 42.05 13.97 -17.46
C LEU A 84 41.95 12.96 -16.31
N VAL A 85 42.89 12.02 -16.22
CA VAL A 85 42.94 11.01 -15.11
C VAL A 85 43.04 11.73 -13.77
N HIS A 86 43.83 12.80 -13.68
CA HIS A 86 44.09 13.57 -12.43
C HIS A 86 42.81 14.31 -12.01
N ARG A 87 42.13 14.96 -12.96
CA ARG A 87 40.85 15.67 -12.73
C ARG A 87 39.79 14.69 -12.22
N VAL A 88 39.65 13.54 -12.88
CA VAL A 88 38.67 12.48 -12.50
C VAL A 88 39.00 11.99 -11.08
N HIS A 89 40.25 11.61 -10.81
CA HIS A 89 40.67 11.09 -9.48
C HIS A 89 40.34 12.14 -8.42
N SER A 90 40.70 13.40 -8.68
CA SER A 90 40.57 14.51 -7.71
C SER A 90 39.09 14.73 -7.38
N TYR A 91 38.24 14.78 -8.41
CA TYR A 91 36.75 14.90 -8.31
C TYR A 91 36.21 13.79 -7.40
N LEU A 92 36.58 12.55 -7.67
CA LEU A 92 36.09 11.38 -6.89
C LEU A 92 36.52 11.52 -5.43
N GLU A 93 37.75 11.96 -5.18
CA GLU A 93 38.32 12.06 -3.82
C GLU A 93 37.59 13.16 -3.04
N ARG A 94 37.34 14.29 -3.71
CA ARG A 94 36.73 15.53 -3.14
C ARG A 94 35.31 15.19 -2.68
N HIS A 95 34.55 14.53 -3.57
CA HIS A 95 33.12 14.16 -3.36
C HIS A 95 32.99 12.84 -2.58
N GLY A 96 34.09 12.26 -2.09
CA GLY A 96 34.07 11.11 -1.17
C GLY A 96 33.52 9.84 -1.82
N LEU A 97 33.71 9.66 -3.11
CA LEU A 97 33.38 8.40 -3.84
C LEU A 97 34.54 7.41 -3.71
N ILE A 98 35.76 7.91 -3.54
CA ILE A 98 36.98 7.10 -3.21
C ILE A 98 37.64 7.70 -1.97
N ASN A 99 38.42 6.91 -1.24
CA ASN A 99 39.20 7.38 -0.06
C ASN A 99 38.25 8.08 0.91
N PHE A 100 37.18 7.38 1.29
CA PHE A 100 36.21 7.82 2.32
C PHE A 100 36.14 6.75 3.42
N GLY A 101 35.70 7.17 4.61
CA GLY A 101 35.59 6.28 5.79
C GLY A 101 36.94 6.12 6.48
N ILE A 102 37.31 4.87 6.77
CA ILE A 102 38.55 4.53 7.53
C ILE A 102 39.47 3.68 6.66
N TYR A 103 40.62 4.24 6.29
CA TYR A 103 41.60 3.60 5.37
C TYR A 103 43.01 4.00 5.79
N LYS A 104 43.98 3.12 5.51
CA LYS A 104 45.43 3.38 5.72
C LYS A 104 45.88 4.41 4.70
N ARG A 105 46.34 5.56 5.18
CA ARG A 105 46.84 6.68 4.35
C ARG A 105 48.27 6.35 3.88
N ILE A 106 48.54 6.46 2.59
CA ILE A 106 49.89 6.21 2.00
C ILE A 106 50.80 7.39 2.38
N LYS A 107 50.43 8.63 2.03
CA LYS A 107 51.23 9.86 2.30
C LYS A 107 50.70 10.58 3.54
N PRO A 108 51.41 10.59 4.71
CA PRO A 108 50.89 11.20 5.93
C PRO A 108 50.41 12.65 5.74
N LEU A 109 49.38 13.07 6.49
CA LEU A 109 48.69 14.37 6.32
C LEU A 109 49.67 15.50 6.62
N PRO A 110 49.69 16.59 5.81
CA PRO A 110 50.58 17.72 6.07
C PRO A 110 50.24 18.40 7.41
N THR A 111 51.28 18.74 8.19
CA THR A 111 51.18 19.39 9.53
C THR A 111 50.49 20.76 9.38
N LYS A 112 50.74 21.46 8.26
CA LYS A 112 50.19 22.80 7.94
C LYS A 112 48.73 22.65 7.49
N LYS A 113 47.78 23.12 8.31
CA LYS A 113 46.32 22.99 8.08
C LYS A 113 45.75 24.32 7.57
N THR A 114 44.90 24.25 6.54
CA THR A 114 44.20 25.41 5.92
C THR A 114 42.74 25.45 6.39
N GLY A 115 42.30 26.60 6.91
CA GLY A 115 40.89 26.85 7.27
C GLY A 115 40.50 26.15 8.56
N LYS A 116 39.44 26.62 9.20
CA LYS A 116 38.93 26.10 10.50
C LYS A 116 37.41 25.90 10.39
N VAL A 117 36.93 24.69 10.72
CA VAL A 117 35.49 24.29 10.67
C VAL A 117 35.04 23.73 12.02
N ILE A 118 33.96 24.27 12.56
CA ILE A 118 33.21 23.66 13.69
C ILE A 118 32.07 22.81 13.11
N ILE A 119 32.00 21.56 13.54
CA ILE A 119 30.90 20.61 13.18
C ILE A 119 30.03 20.40 14.42
N ILE A 120 28.76 20.76 14.32
CA ILE A 120 27.77 20.57 15.42
C ILE A 120 27.22 19.15 15.29
N GLY A 121 27.45 18.32 16.31
CA GLY A 121 27.04 16.89 16.37
C GLY A 121 28.12 15.97 15.85
N SER A 122 28.40 14.87 16.59
CA SER A 122 29.31 13.77 16.17
C SER A 122 28.49 12.51 15.91
N GLY A 123 27.31 12.67 15.26
CA GLY A 123 26.58 11.57 14.61
C GLY A 123 27.32 11.12 13.37
N VAL A 124 26.76 10.19 12.61
CA VAL A 124 27.43 9.63 11.41
C VAL A 124 27.65 10.77 10.41
N SER A 125 26.65 11.65 10.21
CA SER A 125 26.77 12.78 9.25
C SER A 125 27.97 13.66 9.64
N GLY A 126 28.04 14.06 10.91
CA GLY A 126 29.16 14.85 11.47
C GLY A 126 30.50 14.15 11.27
N LEU A 127 30.62 12.90 11.74
CA LEU A 127 31.89 12.13 11.74
C LEU A 127 32.36 11.94 10.29
N ALA A 128 31.44 11.58 9.39
CA ALA A 128 31.75 11.38 7.96
C ALA A 128 32.39 12.66 7.42
N ALA A 129 31.77 13.83 7.66
CA ALA A 129 32.26 15.15 7.18
C ALA A 129 33.64 15.45 7.78
N ALA A 130 33.77 15.31 9.11
CA ALA A 130 34.99 15.60 9.87
C ALA A 130 36.19 14.88 9.23
N ARG A 131 36.09 13.56 9.05
CA ARG A 131 37.17 12.73 8.45
C ARG A 131 37.57 13.31 7.09
N GLN A 132 36.59 13.55 6.22
CA GLN A 132 36.84 14.09 4.86
C GLN A 132 37.64 15.39 4.98
N LEU A 133 37.14 16.34 5.79
CA LEU A 133 37.71 17.69 5.93
C LEU A 133 39.14 17.59 6.46
N GLN A 134 39.35 16.89 7.58
CA GLN A 134 40.69 16.66 8.19
C GLN A 134 41.63 16.10 7.12
N SER A 135 41.18 15.14 6.32
CA SER A 135 42.00 14.47 5.27
C SER A 135 42.22 15.40 4.07
N PHE A 136 41.44 16.47 3.93
CA PHE A 136 41.66 17.53 2.90
C PHE A 136 42.57 18.64 3.45
N GLY A 137 42.99 18.49 4.72
CA GLY A 137 43.97 19.38 5.38
C GLY A 137 43.32 20.56 6.06
N MET A 138 42.07 20.45 6.51
CA MET A 138 41.37 21.52 7.27
C MET A 138 41.49 21.23 8.77
N ASP A 139 41.37 22.25 9.59
CA ASP A 139 41.28 22.14 11.07
C ASP A 139 39.81 21.89 11.42
N VAL A 140 39.51 20.75 12.02
CA VAL A 140 38.11 20.33 12.33
C VAL A 140 37.97 20.09 13.83
N THR A 141 36.90 20.62 14.43
CA THR A 141 36.48 20.31 15.81
C THR A 141 34.97 20.01 15.79
N LEU A 142 34.58 18.86 16.33
CA LEU A 142 33.16 18.47 16.51
C LEU A 142 32.73 18.85 17.93
N LEU A 143 31.60 19.53 18.06
CA LEU A 143 30.92 19.76 19.36
C LEU A 143 29.75 18.79 19.47
N GLU A 144 29.73 17.98 20.54
CA GLU A 144 28.73 16.92 20.78
C GLU A 144 28.15 17.13 22.18
N ALA A 145 26.82 17.24 22.30
CA ALA A 145 26.09 17.43 23.58
C ALA A 145 26.21 16.17 24.45
N ARG A 146 26.17 14.98 23.85
CA ARG A 146 26.16 13.69 24.58
C ARG A 146 27.57 13.37 25.11
N ASP A 147 27.66 12.38 25.99
CA ASP A 147 28.93 11.83 26.56
C ASP A 147 29.49 10.75 25.62
N ARG A 148 28.92 10.58 24.43
CA ARG A 148 29.33 9.54 23.44
C ARG A 148 29.14 10.09 22.03
N VAL A 149 29.82 9.46 21.06
CA VAL A 149 29.61 9.70 19.61
C VAL A 149 28.50 8.76 19.12
N GLY A 150 28.03 8.97 17.88
CA GLY A 150 27.11 8.06 17.17
C GLY A 150 25.71 8.63 17.04
N GLY A 151 25.27 9.39 18.04
CA GLY A 151 23.96 10.07 18.01
C GLY A 151 22.82 9.07 17.99
N ARG A 152 22.03 9.06 16.91
CA ARG A 152 20.84 8.17 16.74
C ARG A 152 21.32 6.75 16.38
N VAL A 153 22.62 6.54 16.21
CA VAL A 153 23.26 5.19 16.29
C VAL A 153 23.72 4.99 17.74
N ALA A 154 22.94 4.23 18.50
CA ALA A 154 23.10 4.03 19.96
C ALA A 154 22.96 2.54 20.27
N THR A 155 24.01 1.94 20.83
CA THR A 155 24.13 0.50 21.13
C THR A 155 24.15 0.30 22.64
N PHE A 156 23.24 -0.51 23.18
CA PHE A 156 23.19 -0.90 24.61
C PHE A 156 24.23 -2.00 24.84
N ARG A 157 25.00 -1.90 25.93
CA ARG A 157 26.06 -2.87 26.32
C ARG A 157 26.07 -3.04 27.84
N LYS A 158 25.71 -4.25 28.30
CA LYS A 158 25.98 -4.76 29.68
C LYS A 158 26.44 -6.21 29.53
N GLY A 159 27.69 -6.50 29.94
CA GLY A 159 28.33 -7.81 29.74
C GLY A 159 28.21 -8.27 28.30
N ASN A 160 27.76 -9.51 28.07
CA ASN A 160 27.66 -10.13 26.72
C ASN A 160 26.41 -9.60 25.99
N TYR A 161 25.49 -8.95 26.71
CA TYR A 161 24.27 -8.35 26.09
C TYR A 161 24.69 -7.17 25.22
N VAL A 162 24.16 -7.14 23.98
CA VAL A 162 24.39 -6.09 22.96
C VAL A 162 23.10 -5.92 22.15
N ALA A 163 22.57 -4.69 22.09
CA ALA A 163 21.28 -4.38 21.43
C ALA A 163 21.22 -2.89 21.06
N ASP A 164 20.93 -2.59 19.79
CA ASP A 164 20.81 -1.21 19.26
C ASP A 164 19.46 -0.63 19.65
N LEU A 165 19.46 0.56 20.27
CA LEU A 165 18.24 1.35 20.56
C LEU A 165 17.96 2.31 19.39
N GLY A 166 18.95 2.51 18.53
CA GLY A 166 18.86 3.38 17.35
C GLY A 166 18.85 2.56 16.08
N ALA A 167 19.60 2.98 15.06
CA ALA A 167 19.78 2.23 13.80
C ALA A 167 20.22 0.79 14.12
N MET A 168 19.66 -0.16 13.37
CA MET A 168 19.75 -1.63 13.62
C MET A 168 20.06 -2.38 12.32
N VAL A 169 19.54 -1.88 11.19
CA VAL A 169 19.47 -2.63 9.91
C VAL A 169 20.28 -1.90 8.84
N VAL A 170 21.07 -2.66 8.08
CA VAL A 170 21.68 -2.23 6.80
C VAL A 170 20.70 -2.65 5.70
N THR A 171 20.07 -1.70 5.00
CA THR A 171 18.97 -1.97 4.05
C THR A 171 19.55 -2.43 2.71
N GLY A 172 20.38 -3.47 2.74
CA GLY A 172 20.99 -4.10 1.54
C GLY A 172 22.32 -3.47 1.19
N LEU A 173 23.26 -4.26 0.64
CA LEU A 173 24.66 -3.82 0.37
C LEU A 173 24.80 -3.31 -1.07
N GLY A 174 23.82 -3.57 -1.93
CA GLY A 174 23.89 -3.24 -3.37
C GLY A 174 23.76 -1.75 -3.62
N GLY A 175 24.89 -1.04 -3.71
CA GLY A 175 24.93 0.41 -3.91
C GLY A 175 25.03 1.17 -2.59
N ASN A 176 25.16 0.43 -1.49
CA ASN A 176 25.20 0.98 -0.11
C ASN A 176 26.65 1.33 0.20
N PRO A 177 26.95 2.58 0.63
CA PRO A 177 28.30 2.94 1.03
C PRO A 177 28.72 2.28 2.36
N MET A 178 27.77 1.70 3.10
CA MET A 178 28.08 0.95 4.35
C MET A 178 28.69 -0.41 4.00
N ALA A 179 28.58 -0.84 2.74
CA ALA A 179 29.30 -2.01 2.18
C ALA A 179 30.80 -1.76 2.28
N VAL A 180 31.26 -0.61 1.80
CA VAL A 180 32.67 -0.13 1.91
C VAL A 180 33.06 -0.04 3.38
N VAL A 181 32.20 0.54 4.22
CA VAL A 181 32.52 0.76 5.67
C VAL A 181 32.67 -0.60 6.34
N SER A 182 31.81 -1.58 6.01
CA SER A 182 31.80 -2.93 6.64
C SER A 182 33.11 -3.66 6.36
N LYS A 183 33.75 -3.41 5.22
CA LYS A 183 35.10 -3.95 4.88
C LYS A 183 36.16 -3.24 5.72
N GLN A 184 35.97 -1.95 6.02
CA GLN A 184 36.95 -1.08 6.72
C GLN A 184 36.86 -1.32 8.23
N VAL A 185 35.64 -1.35 8.77
CA VAL A 185 35.37 -1.67 10.20
C VAL A 185 34.98 -3.14 10.28
N ASN A 186 35.26 -3.79 11.41
CA ASN A 186 34.75 -5.16 11.70
C ASN A 186 33.33 -5.02 12.24
N MET A 187 32.34 -5.02 11.34
CA MET A 187 30.89 -5.19 11.69
C MET A 187 30.52 -6.66 11.40
N GLU A 188 29.85 -7.32 12.34
CA GLU A 188 29.30 -8.68 12.12
C GLU A 188 27.91 -8.53 11.49
N LEU A 189 27.86 -8.47 10.15
CA LEU A 189 26.61 -8.38 9.37
C LEU A 189 25.98 -9.78 9.26
N ALA A 190 24.75 -9.93 9.76
CA ALA A 190 23.96 -11.19 9.76
C ALA A 190 22.63 -10.95 9.03
N LYS A 191 22.43 -11.64 7.90
CA LYS A 191 21.18 -11.58 7.10
C LYS A 191 19.97 -11.80 8.00
N ILE A 192 18.88 -11.08 7.75
CA ILE A 192 17.59 -11.20 8.46
C ILE A 192 16.68 -12.11 7.62
N LYS A 193 16.12 -13.16 8.23
CA LYS A 193 15.19 -14.10 7.55
C LYS A 193 13.83 -13.41 7.43
N GLN A 194 13.35 -13.26 6.18
CA GLN A 194 12.11 -12.50 5.84
C GLN A 194 10.90 -13.08 6.60
N LYS A 195 10.88 -14.40 6.82
CA LYS A 195 9.78 -15.15 7.51
C LYS A 195 9.51 -14.52 8.88
N CYS A 196 8.25 -14.18 9.17
CA CYS A 196 7.81 -13.48 10.40
C CYS A 196 6.34 -13.81 10.67
N PRO A 197 6.02 -14.77 11.57
CA PRO A 197 4.63 -15.09 11.90
C PRO A 197 3.97 -14.06 12.82
N LEU A 198 2.65 -13.88 12.67
CA LEU A 198 1.79 -13.02 13.52
C LEU A 198 1.14 -13.89 14.62
N TYR A 199 0.66 -13.25 15.68
CA TYR A 199 0.02 -13.88 16.86
C TYR A 199 -1.01 -12.89 17.43
N GLU A 200 -2.29 -13.24 17.39
CA GLU A 200 -3.42 -12.31 17.71
C GLU A 200 -3.45 -12.05 19.22
N ALA A 201 -4.36 -11.16 19.65
CA ALA A 201 -4.54 -10.70 21.05
C ALA A 201 -4.34 -11.85 22.04
N ASN A 202 -4.89 -13.03 21.74
CA ASN A 202 -4.96 -14.22 22.64
C ASN A 202 -3.61 -14.96 22.67
N GLY A 203 -2.86 -14.95 21.56
CA GLY A 203 -1.59 -15.68 21.42
C GLY A 203 -1.66 -16.77 20.36
N GLN A 204 -2.75 -16.85 19.60
CA GLN A 204 -2.96 -17.84 18.50
C GLN A 204 -2.35 -17.31 17.21
N ALA A 205 -1.38 -18.03 16.64
CA ALA A 205 -0.81 -17.76 15.30
C ALA A 205 -1.97 -17.53 14.31
N VAL A 206 -1.88 -16.51 13.46
CA VAL A 206 -2.84 -16.32 12.35
C VAL A 206 -2.69 -17.52 11.42
N PRO A 207 -3.79 -18.24 11.09
CA PRO A 207 -3.70 -19.35 10.14
C PRO A 207 -3.12 -18.90 8.78
N LYS A 208 -2.20 -19.69 8.24
CA LYS A 208 -1.37 -19.36 7.05
C LYS A 208 -2.24 -18.75 5.94
N GLU A 209 -3.37 -19.39 5.60
CA GLU A 209 -4.23 -19.00 4.46
C GLU A 209 -4.75 -17.57 4.67
N LYS A 210 -5.14 -17.24 5.90
CA LYS A 210 -5.73 -15.92 6.28
C LYS A 210 -4.63 -14.85 6.26
N ASP A 211 -3.48 -15.14 6.88
CA ASP A 211 -2.29 -14.26 6.89
C ASP A 211 -2.00 -13.77 5.47
N GLU A 212 -1.90 -14.70 4.52
CA GLU A 212 -1.60 -14.43 3.09
C GLU A 212 -2.66 -13.52 2.48
N MET A 213 -3.93 -13.67 2.90
CA MET A 213 -5.10 -12.94 2.33
C MET A 213 -5.04 -11.47 2.76
N VAL A 214 -4.76 -11.22 4.04
CA VAL A 214 -4.72 -9.85 4.66
C VAL A 214 -3.52 -9.08 4.09
N GLU A 215 -2.34 -9.72 4.10
CA GLU A 215 -1.09 -9.18 3.52
C GLU A 215 -1.34 -8.76 2.06
N GLN A 216 -1.90 -9.66 1.24
CA GLN A 216 -2.23 -9.36 -0.18
C GLN A 216 -3.16 -8.14 -0.22
N GLU A 217 -4.10 -8.04 0.73
CA GLU A 217 -5.11 -6.95 0.77
C GLU A 217 -4.42 -5.63 1.11
N PHE A 218 -3.48 -5.65 2.07
CA PHE A 218 -2.64 -4.48 2.46
C PHE A 218 -1.92 -3.91 1.23
N ASN A 219 -1.22 -4.77 0.47
CA ASN A 219 -0.43 -4.35 -0.72
C ASN A 219 -1.37 -3.77 -1.78
N ARG A 220 -2.57 -4.35 -1.94
CA ARG A 220 -3.60 -3.88 -2.91
C ARG A 220 -4.13 -2.52 -2.46
N LEU A 221 -4.32 -2.34 -1.15
CA LEU A 221 -4.78 -1.05 -0.56
C LEU A 221 -3.73 0.04 -0.81
N LEU A 222 -2.44 -0.27 -0.60
CA LEU A 222 -1.34 0.70 -0.87
C LEU A 222 -1.35 1.05 -2.36
N GLU A 223 -1.27 0.04 -3.22
CA GLU A 223 -1.27 0.19 -4.70
C GLU A 223 -2.44 1.10 -5.10
N ALA A 224 -3.58 0.98 -4.41
CA ALA A 224 -4.82 1.77 -4.63
C ALA A 224 -4.60 3.26 -4.30
N THR A 225 -4.01 3.54 -3.13
CA THR A 225 -3.69 4.93 -2.69
C THR A 225 -2.81 5.59 -3.77
N SER A 226 -1.83 4.84 -4.30
CA SER A 226 -0.94 5.31 -5.39
C SER A 226 -1.77 5.63 -6.64
N TYR A 227 -2.72 4.76 -6.99
CA TYR A 227 -3.67 4.97 -8.11
C TYR A 227 -4.49 6.23 -7.83
N LEU A 228 -5.08 6.30 -6.62
CA LEU A 228 -5.89 7.45 -6.14
C LEU A 228 -5.07 8.74 -6.32
N SER A 229 -3.77 8.68 -6.01
CA SER A 229 -2.84 9.84 -6.03
C SER A 229 -2.52 10.24 -7.48
N HIS A 230 -1.91 9.34 -8.27
CA HIS A 230 -1.27 9.66 -9.57
C HIS A 230 -2.32 9.75 -10.69
N GLN A 231 -3.30 8.84 -10.69
CA GLN A 231 -4.27 8.66 -11.81
C GLN A 231 -5.50 9.56 -11.60
N LEU A 232 -6.04 9.62 -10.39
CA LEU A 232 -7.28 10.40 -10.10
C LEU A 232 -6.92 11.78 -9.53
N ASP A 233 -5.65 12.03 -9.20
CA ASP A 233 -5.12 13.32 -8.68
C ASP A 233 -5.92 13.73 -7.43
N PHE A 234 -6.08 12.81 -6.48
CA PHE A 234 -6.78 13.03 -5.18
C PHE A 234 -5.73 13.38 -4.12
N ASN A 235 -5.08 14.53 -4.28
CA ASN A 235 -3.92 14.95 -3.44
C ASN A 235 -4.26 16.20 -2.61
N VAL A 236 -5.41 16.84 -2.85
CA VAL A 236 -5.90 18.00 -2.04
C VAL A 236 -7.39 17.80 -1.73
N LEU A 237 -7.79 18.00 -0.47
CA LEU A 237 -9.18 17.83 0.02
C LEU A 237 -9.48 18.89 1.09
N ASN A 238 -10.35 19.85 0.76
CA ASN A 238 -10.76 20.98 1.65
C ASN A 238 -9.59 21.93 1.86
N ASN A 239 -8.84 22.21 0.79
CA ASN A 239 -7.65 23.13 0.81
C ASN A 239 -6.65 22.63 1.84
N LYS A 240 -6.41 21.31 1.89
CA LYS A 240 -5.43 20.66 2.79
C LYS A 240 -4.80 19.48 2.07
N PRO A 241 -3.50 19.21 2.26
CA PRO A 241 -2.86 18.06 1.62
C PRO A 241 -3.47 16.75 2.13
N VAL A 242 -3.74 15.81 1.21
CA VAL A 242 -4.32 14.48 1.54
C VAL A 242 -3.22 13.62 2.17
N SER A 243 -3.49 13.13 3.38
CA SER A 243 -2.68 12.14 4.12
C SER A 243 -2.71 10.79 3.41
N LEU A 244 -1.74 9.91 3.67
CA LEU A 244 -1.78 8.48 3.24
C LEU A 244 -2.90 7.76 4.00
N GLY A 245 -3.01 8.00 5.31
CA GLY A 245 -4.10 7.50 6.18
C GLY A 245 -5.48 7.83 5.62
N GLN A 246 -5.72 9.10 5.27
CA GLN A 246 -7.00 9.56 4.66
C GLN A 246 -7.31 8.74 3.41
N ALA A 247 -6.34 8.61 2.50
CA ALA A 247 -6.46 7.86 1.23
C ALA A 247 -6.84 6.40 1.53
N LEU A 248 -6.19 5.78 2.52
CA LEU A 248 -6.45 4.38 2.93
C LEU A 248 -7.89 4.26 3.46
N GLU A 249 -8.34 5.19 4.32
CA GLU A 249 -9.74 5.24 4.82
C GLU A 249 -10.68 5.26 3.60
N VAL A 250 -10.45 6.19 2.67
CA VAL A 250 -11.30 6.42 1.47
C VAL A 250 -11.31 5.15 0.61
N VAL A 251 -10.16 4.51 0.41
CA VAL A 251 -10.04 3.29 -0.43
C VAL A 251 -10.83 2.16 0.25
N ILE A 252 -10.69 2.01 1.56
CA ILE A 252 -11.40 0.96 2.36
C ILE A 252 -12.90 1.19 2.24
N GLN A 253 -13.36 2.43 2.44
CA GLN A 253 -14.80 2.81 2.38
C GLN A 253 -15.36 2.41 1.01
N LEU A 254 -14.67 2.75 -0.07
CA LEU A 254 -15.07 2.40 -1.45
C LEU A 254 -15.12 0.88 -1.63
N GLN A 255 -14.33 0.12 -0.87
CA GLN A 255 -14.32 -1.37 -0.93
C GLN A 255 -15.52 -1.91 -0.16
N GLU A 256 -15.88 -1.28 0.97
CA GLU A 256 -17.12 -1.58 1.72
C GLU A 256 -18.33 -1.20 0.86
N LYS A 257 -18.27 -0.02 0.22
CA LYS A 257 -19.32 0.55 -0.65
C LYS A 257 -19.62 -0.41 -1.81
N HIS A 258 -18.58 -0.99 -2.41
CA HIS A 258 -18.71 -2.00 -3.50
C HIS A 258 -19.37 -3.26 -2.95
N VAL A 259 -18.93 -3.78 -1.80
CA VAL A 259 -19.49 -5.03 -1.20
C VAL A 259 -21.01 -4.90 -1.06
N LYS A 260 -21.48 -3.76 -0.52
CA LYS A 260 -22.92 -3.45 -0.33
C LYS A 260 -23.60 -3.34 -1.71
N ASP A 261 -23.04 -2.54 -2.63
CA ASP A 261 -23.55 -2.37 -4.02
C ASP A 261 -23.71 -3.76 -4.67
N GLU A 262 -22.75 -4.66 -4.45
CA GLU A 262 -22.71 -6.03 -5.04
C GLU A 262 -23.91 -6.81 -4.50
N GLN A 263 -24.09 -6.83 -3.17
CA GLN A 263 -25.21 -7.51 -2.48
C GLN A 263 -26.53 -6.98 -3.06
N ILE A 264 -26.71 -5.66 -3.07
CA ILE A 264 -27.93 -4.98 -3.59
C ILE A 264 -28.26 -5.55 -4.98
N GLU A 265 -27.34 -5.44 -5.95
CA GLU A 265 -27.54 -5.88 -7.36
C GLU A 265 -27.98 -7.35 -7.41
N HIS A 266 -27.47 -8.19 -6.52
CA HIS A 266 -27.75 -9.65 -6.43
C HIS A 266 -29.17 -9.88 -5.90
N TRP A 267 -29.52 -9.26 -4.78
CA TRP A 267 -30.89 -9.33 -4.19
C TRP A 267 -31.91 -8.68 -5.12
N LYS A 268 -31.53 -7.59 -5.82
CA LYS A 268 -32.41 -6.87 -6.78
C LYS A 268 -32.75 -7.76 -7.98
N LYS A 269 -31.89 -8.72 -8.34
CA LYS A 269 -32.14 -9.63 -9.48
C LYS A 269 -32.92 -10.85 -8.98
N ILE A 270 -32.84 -11.15 -7.68
CA ILE A 270 -33.68 -12.19 -7.03
C ILE A 270 -35.15 -11.74 -7.03
N VAL A 271 -35.45 -10.48 -6.66
CA VAL A 271 -36.85 -9.96 -6.59
C VAL A 271 -37.42 -9.88 -8.01
N LYS A 272 -36.62 -9.52 -9.00
CA LYS A 272 -37.05 -9.46 -10.42
C LYS A 272 -37.51 -10.87 -10.85
N THR A 273 -36.78 -11.90 -10.42
CA THR A 273 -37.08 -13.33 -10.72
C THR A 273 -38.34 -13.74 -9.94
N GLN A 274 -38.43 -13.40 -8.65
CA GLN A 274 -39.60 -13.67 -7.79
C GLN A 274 -40.86 -13.00 -8.37
N GLU A 275 -40.72 -11.81 -8.99
CA GLU A 275 -41.85 -11.05 -9.59
C GLU A 275 -42.27 -11.68 -10.92
N GLU A 276 -41.32 -12.21 -11.69
CA GLU A 276 -41.62 -13.02 -12.91
C GLU A 276 -42.43 -14.25 -12.51
N LEU A 277 -41.96 -14.98 -11.49
CA LEU A 277 -42.60 -16.20 -10.95
C LEU A 277 -44.01 -15.87 -10.46
N LYS A 278 -44.16 -14.80 -9.68
CA LYS A 278 -45.47 -14.29 -9.16
C LYS A 278 -46.43 -14.04 -10.32
N GLU A 279 -45.99 -13.32 -11.35
CA GLU A 279 -46.81 -12.99 -12.54
C GLU A 279 -47.19 -14.28 -13.28
N LEU A 280 -46.31 -15.29 -13.27
CA LEU A 280 -46.54 -16.59 -13.94
C LEU A 280 -47.54 -17.42 -13.12
N LEU A 281 -47.30 -17.57 -11.81
CA LEU A 281 -48.19 -18.32 -10.89
C LEU A 281 -49.63 -17.79 -11.02
N ASN A 282 -49.83 -16.47 -11.02
CA ASN A 282 -51.16 -15.82 -11.21
C ASN A 282 -51.77 -16.30 -12.53
N LYS A 283 -51.00 -16.32 -13.61
CA LYS A 283 -51.44 -16.78 -14.95
C LYS A 283 -51.87 -18.26 -14.85
N MET A 284 -51.11 -19.09 -14.14
CA MET A 284 -51.34 -20.55 -13.99
C MET A 284 -52.56 -20.81 -13.10
N VAL A 285 -52.79 -19.98 -12.07
CA VAL A 285 -53.94 -20.12 -11.12
C VAL A 285 -55.25 -19.79 -11.85
N ASN A 286 -55.27 -18.70 -12.62
CA ASN A 286 -56.43 -18.26 -13.45
C ASN A 286 -56.72 -19.29 -14.54
N LEU A 287 -55.67 -19.91 -15.10
CA LEU A 287 -55.80 -20.92 -16.19
C LEU A 287 -56.32 -22.23 -15.61
N LYS A 288 -55.94 -22.58 -14.38
CA LYS A 288 -56.41 -23.82 -13.70
C LYS A 288 -57.91 -23.72 -13.46
N GLU A 289 -58.40 -22.54 -13.02
CA GLU A 289 -59.84 -22.27 -12.78
C GLU A 289 -60.60 -22.40 -14.11
N LYS A 290 -60.10 -21.80 -15.19
CA LYS A 290 -60.73 -21.85 -16.53
C LYS A 290 -60.71 -23.29 -17.06
N ILE A 291 -59.69 -24.07 -16.71
CA ILE A 291 -59.58 -25.51 -17.10
C ILE A 291 -60.60 -26.32 -16.30
N LYS A 292 -60.76 -26.01 -15.01
CA LYS A 292 -61.71 -26.70 -14.09
C LYS A 292 -63.15 -26.46 -14.58
N GLU A 293 -63.53 -25.20 -14.79
CA GLU A 293 -64.86 -24.78 -15.32
C GLU A 293 -65.11 -25.48 -16.66
N LEU A 294 -64.13 -25.49 -17.57
CA LEU A 294 -64.27 -26.03 -18.95
C LEU A 294 -64.37 -27.55 -18.91
N HIS A 295 -63.78 -28.21 -17.92
CA HIS A 295 -63.85 -29.68 -17.74
C HIS A 295 -65.29 -30.06 -17.36
N GLN A 296 -65.87 -29.33 -16.41
CA GLN A 296 -67.29 -29.49 -15.98
C GLN A 296 -68.18 -29.38 -17.24
N GLN A 297 -68.06 -28.29 -17.99
CA GLN A 297 -68.86 -28.02 -19.21
C GLN A 297 -68.79 -29.23 -20.15
N TYR A 298 -67.58 -29.78 -20.36
CA TYR A 298 -67.33 -30.96 -21.23
C TYR A 298 -67.98 -32.20 -20.62
N LYS A 299 -67.84 -32.37 -19.31
CA LYS A 299 -68.42 -33.51 -18.55
C LYS A 299 -69.93 -33.50 -18.79
N GLU A 300 -70.62 -32.38 -18.53
CA GLU A 300 -72.09 -32.22 -18.70
C GLU A 300 -72.48 -32.50 -20.16
N ALA A 301 -71.67 -32.06 -21.13
CA ALA A 301 -71.94 -32.25 -22.57
C ALA A 301 -71.86 -33.74 -22.93
N SER A 302 -70.91 -34.48 -22.34
CA SER A 302 -70.70 -35.93 -22.61
C SER A 302 -71.71 -36.78 -21.81
N GLU A 303 -72.32 -36.23 -20.74
CA GLU A 303 -73.35 -36.91 -19.90
C GLU A 303 -74.63 -37.13 -20.72
N VAL A 304 -74.93 -36.23 -21.67
CA VAL A 304 -76.00 -36.35 -22.70
C VAL A 304 -75.70 -37.58 -23.57
N LYS A 305 -76.36 -38.71 -23.32
CA LYS A 305 -76.06 -40.00 -24.01
C LYS A 305 -76.55 -39.93 -25.45
N PRO A 306 -75.87 -40.63 -26.39
CA PRO A 306 -76.38 -40.78 -27.75
C PRO A 306 -77.65 -41.60 -27.77
N PRO A 307 -78.47 -41.53 -28.84
CA PRO A 307 -78.11 -40.78 -30.04
C PRO A 307 -78.36 -39.28 -29.82
N ARG A 308 -77.52 -38.40 -30.39
CA ARG A 308 -77.67 -36.92 -30.26
C ARG A 308 -77.51 -36.25 -31.62
N ASP A 309 -78.10 -35.07 -31.80
CA ASP A 309 -77.99 -34.29 -33.05
C ASP A 309 -76.53 -33.82 -33.17
N ILE A 310 -76.17 -33.18 -34.28
CA ILE A 310 -74.75 -32.85 -34.59
C ILE A 310 -74.27 -31.67 -33.72
N THR A 311 -75.17 -30.78 -33.30
CA THR A 311 -74.83 -29.60 -32.46
C THR A 311 -74.42 -30.09 -31.06
N ALA A 312 -75.02 -31.17 -30.59
CA ALA A 312 -74.74 -31.77 -29.25
C ALA A 312 -73.42 -32.54 -29.32
N GLU A 313 -73.15 -33.17 -30.45
CA GLU A 313 -71.87 -33.88 -30.75
C GLU A 313 -70.76 -32.83 -30.85
N PHE A 314 -71.01 -31.75 -31.61
CA PHE A 314 -70.07 -30.63 -31.82
C PHE A 314 -69.68 -30.00 -30.48
N LEU A 315 -70.63 -29.89 -29.55
CA LEU A 315 -70.44 -29.28 -28.22
C LEU A 315 -69.44 -30.12 -27.42
N VAL A 316 -69.58 -31.44 -27.46
CA VAL A 316 -68.63 -32.37 -26.79
C VAL A 316 -67.24 -32.19 -27.43
N LYS A 317 -67.18 -32.18 -28.76
CA LYS A 317 -65.93 -32.13 -29.56
C LYS A 317 -65.24 -30.77 -29.35
N SER A 318 -65.99 -29.67 -29.46
CA SER A 318 -65.46 -28.29 -29.32
C SER A 318 -64.90 -28.11 -27.91
N LYS A 319 -65.62 -28.54 -26.88
CA LYS A 319 -65.19 -28.42 -25.46
C LYS A 319 -63.94 -29.28 -25.24
N HIS A 320 -63.86 -30.46 -25.87
CA HIS A 320 -62.70 -31.39 -25.77
C HIS A 320 -61.46 -30.70 -26.33
N ARG A 321 -61.55 -30.22 -27.57
CA ARG A 321 -60.49 -29.46 -28.28
C ARG A 321 -60.04 -28.28 -27.40
N ASP A 322 -60.98 -27.50 -26.88
CA ASP A 322 -60.72 -26.30 -26.05
C ASP A 322 -59.98 -26.68 -24.77
N LEU A 323 -60.30 -27.86 -24.19
CA LEU A 323 -59.74 -28.29 -22.89
C LEU A 323 -58.30 -28.79 -23.08
N THR A 324 -58.00 -29.50 -24.19
CA THR A 324 -56.63 -30.01 -24.51
C THR A 324 -55.72 -28.81 -24.81
N ALA A 325 -56.23 -27.79 -25.51
CA ALA A 325 -55.52 -26.51 -25.80
C ALA A 325 -55.10 -25.85 -24.50
N LEU A 326 -56.03 -25.59 -23.58
CA LEU A 326 -55.78 -24.92 -22.27
C LEU A 326 -54.86 -25.78 -21.40
N CYS A 327 -54.92 -27.11 -21.52
CA CYS A 327 -54.06 -28.04 -20.77
C CYS A 327 -52.63 -28.00 -21.31
N LYS A 328 -52.46 -27.69 -22.61
CA LYS A 328 -51.14 -27.49 -23.26
C LYS A 328 -50.51 -26.20 -22.71
N GLU A 329 -51.22 -25.07 -22.80
CA GLU A 329 -50.79 -23.76 -22.23
C GLU A 329 -50.28 -23.94 -20.80
N TYR A 330 -51.04 -24.62 -19.95
CA TYR A 330 -50.71 -24.83 -18.51
C TYR A 330 -49.43 -25.67 -18.38
N ASP A 331 -49.22 -26.61 -19.31
CA ASP A 331 -48.02 -27.49 -19.32
C ASP A 331 -46.78 -26.69 -19.75
N GLU A 332 -46.93 -25.76 -20.72
CA GLU A 332 -45.87 -24.82 -21.17
C GLU A 332 -45.48 -23.89 -20.02
N LEU A 333 -46.48 -23.30 -19.34
CA LEU A 333 -46.30 -22.39 -18.16
C LEU A 333 -45.63 -23.15 -17.00
N ALA A 334 -45.97 -24.44 -16.80
CA ALA A 334 -45.45 -25.29 -15.71
C ALA A 334 -43.97 -25.61 -15.95
N GLU A 335 -43.56 -25.70 -17.22
CA GLU A 335 -42.14 -25.87 -17.63
C GLU A 335 -41.39 -24.58 -17.31
N THR A 336 -41.89 -23.44 -17.81
CA THR A 336 -41.37 -22.07 -17.55
C THR A 336 -41.24 -21.85 -16.04
N GLN A 337 -42.22 -22.27 -15.23
CA GLN A 337 -42.19 -22.15 -13.75
C GLN A 337 -40.99 -22.93 -13.20
N GLY A 338 -40.77 -24.15 -13.71
CA GLY A 338 -39.77 -25.10 -13.19
C GLY A 338 -38.34 -24.62 -13.39
N LYS A 339 -38.08 -23.83 -14.44
CA LYS A 339 -36.73 -23.32 -14.81
C LYS A 339 -36.45 -22.00 -14.07
N LEU A 340 -37.49 -21.20 -13.77
CA LEU A 340 -37.37 -19.98 -12.92
C LEU A 340 -37.11 -20.41 -11.47
N GLU A 341 -37.57 -21.59 -11.05
CA GLU A 341 -37.35 -22.13 -9.68
C GLU A 341 -35.92 -22.66 -9.56
N GLU A 342 -35.35 -23.16 -10.66
CA GLU A 342 -33.92 -23.57 -10.75
C GLU A 342 -33.05 -22.31 -10.63
N LYS A 343 -33.28 -21.32 -11.49
CA LYS A 343 -32.55 -20.03 -11.51
C LYS A 343 -32.58 -19.38 -10.12
N LEU A 344 -33.75 -19.36 -9.48
CA LEU A 344 -33.98 -18.71 -8.16
C LEU A 344 -33.19 -19.46 -7.06
N GLN A 345 -33.06 -20.79 -7.18
CA GLN A 345 -32.38 -21.68 -6.19
C GLN A 345 -30.85 -21.57 -6.37
N GLU A 346 -30.40 -21.22 -7.58
CA GLU A 346 -28.96 -21.05 -7.95
C GLU A 346 -28.47 -19.70 -7.42
N LEU A 347 -29.28 -18.63 -7.51
CA LEU A 347 -28.97 -17.29 -6.96
C LEU A 347 -28.87 -17.36 -5.44
N GLU A 348 -29.69 -18.17 -4.78
CA GLU A 348 -29.67 -18.37 -3.30
C GLU A 348 -28.41 -19.13 -2.90
N ALA A 349 -27.88 -19.97 -3.81
CA ALA A 349 -26.72 -20.86 -3.59
C ALA A 349 -25.40 -20.07 -3.68
N ASN A 350 -25.31 -19.10 -4.60
CA ASN A 350 -24.08 -18.30 -4.90
C ASN A 350 -24.29 -16.83 -4.54
N PRO A 351 -24.39 -16.46 -3.23
CA PRO A 351 -24.49 -15.05 -2.84
C PRO A 351 -23.13 -14.37 -2.88
N PRO A 352 -23.07 -13.02 -3.02
CA PRO A 352 -21.81 -12.28 -2.90
C PRO A 352 -21.35 -12.23 -1.44
N SER A 353 -20.12 -11.79 -1.21
CA SER A 353 -19.47 -11.73 0.14
C SER A 353 -20.29 -10.85 1.07
N ASP A 354 -20.45 -11.30 2.32
CA ASP A 354 -21.27 -10.67 3.40
C ASP A 354 -20.63 -9.35 3.82
N VAL A 355 -19.30 -9.33 4.00
CA VAL A 355 -18.52 -8.17 4.51
C VAL A 355 -17.20 -8.06 3.72
N TYR A 356 -16.65 -6.85 3.59
CA TYR A 356 -15.36 -6.56 2.92
C TYR A 356 -14.20 -7.15 3.74
N LEU A 357 -14.19 -6.86 5.04
CA LEU A 357 -13.18 -7.36 6.01
C LEU A 357 -13.85 -7.66 7.35
N SER A 358 -13.60 -8.85 7.89
CA SER A 358 -14.01 -9.30 9.24
C SER A 358 -13.38 -8.39 10.30
N SER A 359 -13.82 -8.50 11.56
CA SER A 359 -13.24 -7.77 12.72
C SER A 359 -11.82 -8.27 13.00
N ARG A 360 -11.56 -9.57 12.86
CA ARG A 360 -10.22 -10.18 13.02
C ARG A 360 -9.32 -9.74 11.86
N ASP A 361 -9.88 -9.67 10.65
CA ASP A 361 -9.13 -9.26 9.43
C ASP A 361 -8.64 -7.82 9.60
N ARG A 362 -9.54 -6.93 10.05
CA ARG A 362 -9.26 -5.48 10.27
C ARG A 362 -8.18 -5.32 11.34
N GLN A 363 -8.17 -6.19 12.36
CA GLN A 363 -7.15 -6.20 13.45
C GLN A 363 -5.79 -6.61 12.87
N ILE A 364 -5.77 -7.62 11.99
CA ILE A 364 -4.54 -8.12 11.31
C ILE A 364 -4.08 -7.06 10.29
N LEU A 365 -5.01 -6.44 9.55
CA LEU A 365 -4.70 -5.35 8.61
C LEU A 365 -4.05 -4.17 9.37
N ASP A 366 -4.49 -3.93 10.60
CA ASP A 366 -3.97 -2.86 11.50
C ASP A 366 -2.51 -3.13 11.84
N TRP A 367 -2.10 -4.40 11.91
CA TRP A 367 -0.69 -4.79 12.16
C TRP A 367 0.16 -4.39 10.96
N HIS A 368 -0.35 -4.58 9.75
CA HIS A 368 0.36 -4.21 8.49
C HIS A 368 0.46 -2.69 8.40
N PHE A 369 -0.54 -1.95 8.91
CA PHE A 369 -0.51 -0.47 9.01
C PHE A 369 0.52 -0.04 10.06
N ALA A 370 0.61 -0.79 11.16
CA ALA A 370 1.61 -0.58 12.24
C ALA A 370 3.01 -0.74 11.65
N ASN A 371 3.23 -1.83 10.89
CA ASN A 371 4.49 -2.10 10.16
C ASN A 371 4.86 -0.87 9.32
N LEU A 372 3.89 -0.29 8.61
CA LEU A 372 4.09 0.89 7.74
C LEU A 372 4.36 2.13 8.61
N GLU A 373 3.70 2.23 9.77
CA GLU A 373 3.88 3.34 10.74
C GLU A 373 5.25 3.24 11.41
N PHE A 374 5.80 2.02 11.51
CA PHE A 374 7.16 1.75 12.05
C PHE A 374 8.18 2.25 11.03
N ALA A 375 8.04 1.83 9.77
CA ALA A 375 8.98 2.13 8.68
C ALA A 375 9.12 3.65 8.49
N ASN A 376 8.02 4.38 8.55
CA ASN A 376 7.98 5.86 8.35
C ASN A 376 8.11 6.56 9.71
N ALA A 377 8.14 5.81 10.81
CA ALA A 377 8.22 6.32 12.19
C ALA A 377 7.20 7.44 12.45
N THR A 378 5.95 7.28 11.99
CA THR A 378 4.88 8.29 12.18
C THR A 378 3.53 7.66 11.89
N PRO A 379 2.43 8.15 12.50
CA PRO A 379 1.08 7.77 12.09
C PRO A 379 0.83 8.07 10.61
N LEU A 380 0.13 7.15 9.93
CA LEU A 380 -0.14 7.24 8.48
C LEU A 380 -0.93 8.51 8.18
N SER A 381 -1.52 9.15 9.20
CA SER A 381 -2.34 10.38 9.06
C SER A 381 -1.44 11.60 8.82
N THR A 382 -0.12 11.47 9.04
CA THR A 382 0.88 12.56 8.88
C THR A 382 1.61 12.46 7.53
N LEU A 383 1.73 11.26 6.94
CA LEU A 383 2.51 11.03 5.70
C LEU A 383 1.80 11.69 4.51
N SER A 384 2.57 12.37 3.66
CA SER A 384 2.15 12.85 2.32
C SER A 384 1.76 11.64 1.47
N LEU A 385 0.50 11.58 1.02
CA LEU A 385 0.03 10.55 0.07
C LEU A 385 0.95 10.51 -1.15
N LYS A 386 1.21 11.67 -1.77
CA LYS A 386 1.93 11.76 -3.07
C LYS A 386 3.39 11.32 -2.90
N HIS A 387 4.06 11.74 -1.82
CA HIS A 387 5.55 11.77 -1.71
C HIS A 387 6.11 10.91 -0.57
N TRP A 388 5.27 10.20 0.20
CA TRP A 388 5.74 9.43 1.37
C TRP A 388 6.88 8.48 0.94
N ASP A 389 6.79 7.94 -0.27
CA ASP A 389 7.68 6.87 -0.79
C ASP A 389 8.61 7.45 -1.87
N GLN A 390 8.82 8.77 -1.89
CA GLN A 390 9.49 9.52 -3.00
C GLN A 390 10.91 9.00 -3.24
N ASP A 391 11.51 8.32 -2.26
CA ASP A 391 12.91 7.83 -2.33
C ASP A 391 12.95 6.37 -2.81
N ASP A 392 11.86 5.84 -3.37
CA ASP A 392 11.69 4.39 -3.61
C ASP A 392 12.68 3.91 -4.67
N ASP A 393 12.97 4.75 -5.67
CA ASP A 393 13.76 4.38 -6.86
C ASP A 393 15.25 4.20 -6.50
N PHE A 394 15.67 4.48 -5.27
CA PHE A 394 17.10 4.47 -4.86
C PHE A 394 17.37 3.41 -3.80
N GLU A 395 16.35 2.65 -3.41
CA GLU A 395 16.47 1.51 -2.47
C GLU A 395 17.64 0.62 -2.93
N PHE A 396 18.42 0.07 -2.01
CA PHE A 396 19.56 -0.80 -2.36
C PHE A 396 19.02 -2.20 -2.67
N THR A 397 19.78 -2.98 -3.45
CA THR A 397 19.52 -4.41 -3.75
C THR A 397 20.27 -5.28 -2.75
N GLY A 398 19.80 -6.51 -2.53
CA GLY A 398 20.43 -7.49 -1.62
C GLY A 398 19.66 -7.62 -0.32
N SER A 399 19.98 -8.65 0.45
CA SER A 399 19.31 -9.00 1.73
C SER A 399 19.61 -7.90 2.75
N HIS A 400 18.61 -7.52 3.55
CA HIS A 400 18.78 -6.62 4.72
C HIS A 400 19.56 -7.40 5.79
N LEU A 401 20.45 -6.72 6.50
CA LEU A 401 21.40 -7.32 7.48
C LEU A 401 21.27 -6.56 8.79
N THR A 402 21.63 -7.20 9.90
CA THR A 402 21.77 -6.56 11.24
C THR A 402 23.25 -6.52 11.59
N VAL A 403 23.61 -5.70 12.57
CA VAL A 403 24.99 -5.57 13.10
C VAL A 403 25.00 -6.27 14.47
N ARG A 404 25.54 -7.49 14.52
CA ARG A 404 25.59 -8.34 15.75
C ARG A 404 26.58 -7.71 16.74
N ASN A 405 27.62 -7.06 16.21
CA ASN A 405 28.62 -6.25 16.96
C ASN A 405 27.95 -5.15 17.78
N GLY A 406 26.81 -4.62 17.28
CA GLY A 406 26.25 -3.32 17.70
C GLY A 406 26.74 -2.22 16.77
N TYR A 407 25.82 -1.42 16.23
CA TYR A 407 26.09 -0.43 15.14
C TYR A 407 27.08 0.64 15.63
N SER A 408 27.16 0.89 16.94
CA SER A 408 28.08 1.87 17.57
C SER A 408 29.52 1.65 17.11
N CYS A 409 29.90 0.41 16.79
CA CYS A 409 31.25 0.05 16.29
C CYS A 409 31.64 0.98 15.13
N VAL A 410 30.67 1.49 14.36
CA VAL A 410 30.90 2.35 13.14
C VAL A 410 31.29 3.77 13.55
N PRO A 411 30.43 4.53 14.26
CA PRO A 411 30.80 5.88 14.68
C PRO A 411 32.10 5.86 15.50
N VAL A 412 32.22 4.96 16.48
CA VAL A 412 33.43 4.87 17.34
C VAL A 412 34.66 4.78 16.44
N ALA A 413 34.63 3.91 15.43
CA ALA A 413 35.72 3.75 14.45
C ALA A 413 35.97 5.09 13.75
N LEU A 414 34.92 5.73 13.23
CA LEU A 414 35.00 7.00 12.47
C LEU A 414 35.58 8.11 13.36
N ALA A 415 35.34 8.04 14.67
CA ALA A 415 35.74 9.08 15.66
C ALA A 415 37.25 9.06 15.93
N GLU A 416 37.96 7.98 15.56
CA GLU A 416 39.41 7.84 15.85
C GLU A 416 40.18 8.97 15.18
N GLY A 417 41.00 9.69 15.95
CA GLY A 417 41.92 10.74 15.44
C GLY A 417 41.22 12.05 15.15
N LEU A 418 40.02 12.27 15.71
CA LEU A 418 39.20 13.50 15.49
C LEU A 418 39.11 14.27 16.80
N ASP A 419 39.20 15.60 16.73
CA ASP A 419 39.06 16.50 17.90
C ASP A 419 37.57 16.61 18.23
N ILE A 420 37.09 15.79 19.17
CA ILE A 420 35.65 15.77 19.56
C ILE A 420 35.51 16.28 20.99
N LYS A 421 34.83 17.40 21.16
CA LYS A 421 34.39 17.92 22.49
C LYS A 421 33.04 17.28 22.85
N LEU A 422 33.05 16.28 23.74
CA LEU A 422 31.81 15.65 24.28
C LEU A 422 31.27 16.53 25.42
N ASN A 423 30.03 16.32 25.83
CA ASN A 423 29.40 17.08 26.94
C ASN A 423 29.46 18.58 26.63
N THR A 424 29.35 18.95 25.35
CA THR A 424 29.44 20.34 24.84
C THR A 424 28.19 20.64 24.01
N ALA A 425 27.22 21.30 24.63
CA ALA A 425 25.89 21.63 24.06
C ALA A 425 25.95 23.00 23.38
N VAL A 426 25.98 23.04 22.05
CA VAL A 426 25.86 24.32 21.29
C VAL A 426 24.55 25.00 21.71
N ARG A 427 24.62 26.29 22.00
CA ARG A 427 23.47 27.13 22.42
C ARG A 427 23.17 28.17 21.34
N GLN A 428 24.21 28.74 20.72
CA GLN A 428 24.08 29.84 19.73
C GLN A 428 25.10 29.66 18.60
N VAL A 429 24.67 29.87 17.36
CA VAL A 429 25.51 29.84 16.14
C VAL A 429 25.46 31.25 15.52
N ARG A 430 26.61 31.92 15.47
CA ARG A 430 26.78 33.28 14.89
C ARG A 430 27.58 33.18 13.60
N TYR A 431 27.11 33.81 12.53
CA TYR A 431 27.70 33.73 11.18
C TYR A 431 27.62 35.11 10.52
N THR A 432 28.75 35.57 9.99
CA THR A 432 28.93 36.91 9.39
C THR A 432 29.90 36.81 8.22
N ALA A 433 30.06 37.91 7.49
CA ALA A 433 30.90 37.99 6.28
C ALA A 433 32.34 37.59 6.60
N SER A 434 32.84 37.78 7.82
CA SER A 434 34.26 37.54 8.19
C SER A 434 34.44 36.16 8.85
N GLY A 435 33.36 35.53 9.32
CA GLY A 435 33.41 34.17 9.89
C GLY A 435 32.31 33.93 10.93
N CYS A 436 32.51 32.94 11.79
CA CYS A 436 31.47 32.40 12.70
C CYS A 436 32.02 32.26 14.12
N GLU A 437 31.14 32.47 15.11
CA GLU A 437 31.32 32.02 16.51
C GLU A 437 30.23 30.99 16.84
N VAL A 438 30.63 29.83 17.36
CA VAL A 438 29.70 28.85 17.98
C VAL A 438 29.86 28.98 19.49
N ILE A 439 28.76 29.27 20.20
CA ILE A 439 28.69 29.38 21.67
C ILE A 439 28.06 28.11 22.23
N ALA A 440 28.82 27.32 22.99
CA ALA A 440 28.38 26.08 23.66
C ALA A 440 28.58 26.21 25.17
N VAL A 441 28.03 25.28 25.93
CA VAL A 441 28.18 25.16 27.41
C VAL A 441 28.50 23.72 27.75
N ASN A 442 29.06 23.47 28.94
CA ASN A 442 29.23 22.11 29.52
C ASN A 442 27.84 21.59 29.91
N THR A 443 27.48 20.38 29.46
CA THR A 443 26.18 19.74 29.79
C THR A 443 26.10 19.53 31.30
N ARG A 444 27.24 19.25 31.94
CA ARG A 444 27.36 18.91 33.38
C ARG A 444 27.19 20.18 34.24
N SER A 445 27.78 21.31 33.85
CA SER A 445 27.59 22.64 34.50
C SER A 445 27.31 23.72 33.44
N THR A 446 26.05 24.15 33.29
CA THR A 446 25.56 25.08 32.23
C THR A 446 26.30 26.44 32.29
N SER A 447 26.90 26.79 33.44
CA SER A 447 27.61 28.07 33.70
C SER A 447 28.89 28.17 32.86
N GLN A 448 29.65 27.08 32.73
CA GLN A 448 30.92 27.02 31.95
C GLN A 448 30.62 27.23 30.47
N THR A 449 31.02 28.38 29.92
CA THR A 449 30.72 28.80 28.54
C THR A 449 31.98 28.64 27.67
N PHE A 450 31.81 28.14 26.45
CA PHE A 450 32.87 27.95 25.43
C PHE A 450 32.50 28.74 24.17
N ILE A 451 33.50 29.36 23.54
CA ILE A 451 33.36 30.14 22.29
C ILE A 451 34.34 29.54 21.29
N TYR A 452 33.83 29.08 20.15
CA TYR A 452 34.65 28.52 19.03
C TYR A 452 34.54 29.48 17.85
N LYS A 453 35.67 30.00 17.39
CA LYS A 453 35.77 30.89 16.21
C LYS A 453 36.19 30.02 15.04
N CYS A 454 35.48 30.12 13.90
CA CYS A 454 35.74 29.28 12.70
C CYS A 454 35.36 30.04 11.42
N ASP A 455 35.94 29.62 10.30
CA ASP A 455 35.59 30.09 8.93
C ASP A 455 34.21 29.58 8.53
N ALA A 456 33.82 28.38 8.99
CA ALA A 456 32.59 27.67 8.58
C ALA A 456 32.04 26.83 9.73
N VAL A 457 30.70 26.75 9.82
CA VAL A 457 29.94 25.83 10.72
C VAL A 457 29.19 24.81 9.86
N LEU A 458 29.38 23.52 10.14
CA LEU A 458 28.54 22.41 9.60
C LEU A 458 27.54 22.03 10.69
N CYS A 459 26.27 22.32 10.46
CA CYS A 459 25.13 21.94 11.34
C CYS A 459 24.64 20.53 10.96
N THR A 460 24.81 19.55 11.86
CA THR A 460 24.20 18.19 11.76
C THR A 460 23.15 17.99 12.86
N LEU A 461 22.67 19.09 13.45
CA LEU A 461 21.54 19.06 14.43
C LEU A 461 20.38 18.32 13.78
N PRO A 462 19.77 17.34 14.48
CA PRO A 462 18.59 16.64 14.00
C PRO A 462 17.42 17.58 13.70
N LEU A 463 16.57 17.19 12.74
CA LEU A 463 15.39 18.00 12.33
C LEU A 463 14.54 18.27 13.58
N GLY A 464 14.43 17.28 14.46
CA GLY A 464 13.74 17.39 15.76
C GLY A 464 14.24 18.58 16.55
N VAL A 465 15.56 18.79 16.60
CA VAL A 465 16.20 19.92 17.33
C VAL A 465 15.88 21.21 16.57
N LEU A 466 16.16 21.26 15.27
CA LEU A 466 15.90 22.46 14.44
C LEU A 466 14.45 22.90 14.62
N LYS A 467 13.54 21.96 14.86
CA LYS A 467 12.07 22.22 14.98
C LYS A 467 11.73 22.78 16.37
N GLN A 468 12.48 22.37 17.40
CA GLN A 468 12.20 22.69 18.83
C GLN A 468 11.81 24.17 18.94
N GLN A 469 10.63 24.44 19.52
CA GLN A 469 10.11 25.80 19.82
C GLN A 469 9.66 25.81 21.28
N PRO A 470 10.29 26.61 22.18
CA PRO A 470 11.29 27.60 21.80
C PRO A 470 12.67 26.99 21.52
N PRO A 471 13.52 27.63 20.71
CA PRO A 471 14.72 26.98 20.16
C PRO A 471 15.75 26.54 21.21
N ALA A 472 16.27 25.32 21.08
CA ALA A 472 17.45 24.83 21.83
C ALA A 472 18.69 25.59 21.35
N VAL A 473 18.74 25.90 20.05
CA VAL A 473 19.89 26.58 19.40
C VAL A 473 19.38 27.84 18.68
N GLN A 474 19.99 28.97 18.97
CA GLN A 474 19.66 30.29 18.37
C GLN A 474 20.66 30.57 17.25
N PHE A 475 20.16 30.99 16.09
CA PHE A 475 20.98 31.37 14.91
C PHE A 475 20.98 32.90 14.83
N VAL A 476 22.18 33.48 14.72
CA VAL A 476 22.37 34.96 14.65
C VAL A 476 23.27 35.26 13.45
N PRO A 477 22.72 35.86 12.37
CA PRO A 477 21.30 36.24 12.31
C PRO A 477 20.36 35.04 12.14
N PRO A 478 19.04 35.23 12.35
CA PRO A 478 18.09 34.11 12.27
C PRO A 478 18.11 33.51 10.87
N LEU A 479 17.91 32.20 10.79
CA LEU A 479 17.77 31.45 9.51
C LEU A 479 16.67 32.10 8.68
N PRO A 480 16.84 32.23 7.34
CA PRO A 480 15.81 32.84 6.49
C PRO A 480 14.51 32.04 6.44
N GLU A 481 13.42 32.70 6.04
CA GLU A 481 12.05 32.11 5.97
C GLU A 481 12.10 30.80 5.16
N TRP A 482 12.89 30.73 4.07
CA TRP A 482 12.86 29.54 3.18
C TRP A 482 13.39 28.31 3.90
N LYS A 483 14.36 28.50 4.80
CA LYS A 483 14.94 27.42 5.63
C LYS A 483 13.94 27.04 6.73
N THR A 484 13.40 28.03 7.47
CA THR A 484 12.56 27.77 8.68
C THR A 484 11.24 27.13 8.26
N SER A 485 10.70 27.54 7.10
CA SER A 485 9.44 27.01 6.49
C SER A 485 9.62 25.53 6.15
N ALA A 486 10.77 25.16 5.57
CA ALA A 486 11.14 23.76 5.27
C ALA A 486 11.17 22.95 6.56
N VAL A 487 11.78 23.51 7.62
CA VAL A 487 11.92 22.82 8.94
C VAL A 487 10.51 22.55 9.49
N GLN A 488 9.62 23.54 9.46
CA GLN A 488 8.22 23.41 9.92
C GLN A 488 7.50 22.33 9.10
N ARG A 489 7.55 22.45 7.77
CA ARG A 489 6.82 21.57 6.82
C ARG A 489 7.23 20.10 7.04
N MET A 490 8.54 19.83 7.04
CA MET A 490 9.09 18.45 7.09
C MET A 490 8.63 17.75 8.36
N GLY A 491 8.39 16.45 8.26
CA GLY A 491 7.96 15.61 9.39
C GLY A 491 9.17 15.04 10.10
N PHE A 492 9.14 15.04 11.43
CA PHE A 492 10.12 14.31 12.27
C PHE A 492 9.34 13.30 13.11
N GLY A 493 9.56 12.03 12.80
CA GLY A 493 8.83 10.91 13.40
C GLY A 493 9.40 10.49 14.75
N ASN A 494 8.84 9.40 15.27
CA ASN A 494 9.19 8.77 16.57
C ASN A 494 9.03 7.25 16.39
N LEU A 495 9.83 6.49 17.11
CA LEU A 495 9.84 5.01 17.07
C LEU A 495 10.72 4.55 18.22
N ASN A 496 10.20 3.71 19.11
CA ASN A 496 10.93 3.31 20.34
C ASN A 496 11.18 1.80 20.34
N LYS A 497 12.16 1.37 21.11
CA LYS A 497 12.59 -0.04 21.22
C LYS A 497 12.61 -0.43 22.71
N VAL A 498 12.05 -1.60 23.03
CA VAL A 498 12.14 -2.23 24.39
C VAL A 498 13.12 -3.39 24.25
N VAL A 499 14.23 -3.35 24.98
CA VAL A 499 15.29 -4.39 24.95
C VAL A 499 15.08 -5.32 26.14
N LEU A 500 14.82 -6.60 25.86
CA LEU A 500 14.53 -7.67 26.85
C LEU A 500 15.66 -8.70 26.82
N CYS A 501 16.54 -8.67 27.84
CA CYS A 501 17.68 -9.59 28.03
C CYS A 501 17.30 -10.70 29.03
N PHE A 502 17.34 -11.95 28.58
CA PHE A 502 16.92 -13.15 29.35
C PHE A 502 18.16 -14.01 29.64
N ASP A 503 17.98 -15.12 30.37
CA ASP A 503 19.05 -16.10 30.70
C ASP A 503 19.02 -17.26 29.71
N ARG A 504 17.88 -17.50 29.04
CA ARG A 504 17.71 -18.62 28.06
C ARG A 504 16.72 -18.23 26.95
N VAL A 505 16.89 -18.85 25.79
CA VAL A 505 16.07 -18.67 24.55
C VAL A 505 14.78 -19.50 24.69
N PHE A 506 13.62 -18.86 24.86
CA PHE A 506 12.30 -19.53 24.92
C PHE A 506 11.54 -19.37 23.59
N TRP A 507 12.20 -18.84 22.56
CA TRP A 507 11.58 -18.52 21.23
C TRP A 507 12.27 -19.38 20.16
N ASP A 508 11.71 -19.42 18.96
CA ASP A 508 12.25 -20.21 17.82
C ASP A 508 13.51 -19.51 17.31
N PRO A 509 14.71 -20.12 17.43
CA PRO A 509 15.94 -19.48 16.98
C PRO A 509 16.04 -19.20 15.46
N SER A 510 15.28 -19.93 14.63
CA SER A 510 15.33 -19.82 13.15
C SER A 510 14.44 -18.68 12.66
N VAL A 511 13.58 -18.13 13.52
CA VAL A 511 12.67 -16.97 13.23
C VAL A 511 13.27 -15.71 13.86
N ASN A 512 13.58 -14.71 13.04
CA ASN A 512 14.25 -13.43 13.45
C ASN A 512 13.22 -12.43 13.96
N LEU A 513 12.06 -12.35 13.30
CA LEU A 513 10.94 -11.44 13.67
C LEU A 513 9.67 -12.25 13.90
N PHE A 514 8.80 -11.75 14.79
CA PHE A 514 7.42 -12.25 14.96
C PHE A 514 6.55 -11.09 15.47
N GLY A 515 5.39 -10.91 14.85
CA GLY A 515 4.43 -9.84 15.18
C GLY A 515 3.51 -10.24 16.32
N HIS A 516 2.96 -9.25 17.01
CA HIS A 516 1.80 -9.33 17.93
C HIS A 516 0.72 -8.37 17.40
N VAL A 517 -0.51 -8.86 17.22
CA VAL A 517 -1.65 -8.03 16.74
C VAL A 517 -2.34 -7.41 17.96
N GLY A 518 -2.58 -6.11 17.94
CA GLY A 518 -3.26 -5.38 19.02
C GLY A 518 -4.76 -5.56 18.90
N SER A 519 -5.49 -5.31 19.99
CA SER A 519 -6.97 -5.39 20.06
C SER A 519 -7.58 -4.30 19.17
N THR A 520 -7.25 -3.05 19.46
CA THR A 520 -7.83 -1.84 18.82
C THR A 520 -6.89 -1.33 17.72
N THR A 521 -7.42 -0.51 16.81
CA THR A 521 -6.67 0.36 15.86
C THR A 521 -5.74 1.28 16.68
N ALA A 522 -6.30 1.94 17.70
CA ALA A 522 -5.62 2.95 18.55
C ALA A 522 -4.30 2.43 19.12
N SER A 523 -4.10 1.12 19.21
CA SER A 523 -2.90 0.52 19.84
C SER A 523 -2.20 -0.45 18.87
N ARG A 524 -2.36 -0.27 17.56
CA ARG A 524 -1.79 -1.20 16.55
C ARG A 524 -0.26 -1.20 16.64
N GLY A 525 0.36 -0.09 17.06
CA GLY A 525 1.83 0.07 17.09
C GLY A 525 2.46 -0.47 18.36
N GLU A 526 1.67 -0.62 19.43
CA GLU A 526 2.16 -0.95 20.80
C GLU A 526 2.76 -2.36 20.85
N LEU A 527 4.09 -2.46 20.83
CA LEU A 527 4.83 -3.75 20.95
C LEU A 527 4.31 -4.72 19.88
N PHE A 528 4.15 -4.22 18.66
CA PHE A 528 3.55 -4.93 17.51
C PHE A 528 4.57 -5.87 16.84
N LEU A 529 5.86 -5.75 17.17
CA LEU A 529 6.92 -6.54 16.48
C LEU A 529 8.05 -6.85 17.47
N PHE A 530 8.62 -8.05 17.37
CA PHE A 530 9.74 -8.55 18.21
C PHE A 530 10.88 -9.00 17.30
N TRP A 531 12.11 -8.59 17.62
CA TRP A 531 13.35 -8.93 16.85
C TRP A 531 14.23 -9.86 17.69
N ASN A 532 14.76 -10.89 17.05
CA ASN A 532 15.79 -11.81 17.59
C ASN A 532 16.94 -11.83 16.57
N LEU A 533 17.95 -10.98 16.75
CA LEU A 533 19.07 -10.80 15.79
C LEU A 533 20.42 -11.04 16.46
N TYR A 534 20.44 -11.18 17.79
CA TYR A 534 21.68 -11.13 18.63
C TYR A 534 22.02 -12.54 19.13
N LYS A 535 23.30 -12.74 19.47
CA LYS A 535 23.88 -14.05 19.90
C LYS A 535 23.29 -14.43 21.25
N ALA A 536 23.36 -13.51 22.22
CA ALA A 536 22.76 -13.62 23.56
C ALA A 536 21.24 -13.77 23.44
N PRO A 537 20.54 -14.18 24.51
CA PRO A 537 19.09 -14.26 24.51
C PRO A 537 18.43 -12.89 24.75
N ILE A 538 18.30 -12.10 23.68
CA ILE A 538 17.70 -10.73 23.71
C ILE A 538 16.55 -10.67 22.72
N LEU A 539 15.38 -10.21 23.19
CA LEU A 539 14.21 -9.86 22.35
C LEU A 539 14.05 -8.34 22.37
N LEU A 540 13.84 -7.75 21.19
CA LEU A 540 13.68 -6.29 21.00
C LEU A 540 12.26 -6.03 20.49
N ALA A 541 11.48 -5.23 21.22
CA ALA A 541 10.06 -4.91 20.90
C ALA A 541 9.97 -3.46 20.40
N LEU A 542 9.35 -3.25 19.24
CA LEU A 542 9.14 -1.91 18.65
C LEU A 542 7.83 -1.31 19.18
N VAL A 543 7.85 -0.02 19.53
CA VAL A 543 6.63 0.81 19.78
C VAL A 543 6.52 1.85 18.66
N ALA A 544 5.55 1.69 17.75
CA ALA A 544 5.41 2.52 16.53
C ALA A 544 4.07 3.26 16.55
N GLY A 545 3.82 4.07 15.52
CA GLY A 545 2.57 4.83 15.32
C GLY A 545 2.28 5.75 16.47
N GLU A 546 0.99 5.98 16.74
CA GLU A 546 0.49 6.89 17.80
C GLU A 546 0.99 6.41 19.16
N ALA A 547 1.26 5.10 19.29
CA ALA A 547 1.64 4.41 20.54
C ALA A 547 2.98 4.93 21.09
N ALA A 548 3.94 5.21 20.20
CA ALA A 548 5.32 5.66 20.56
C ALA A 548 5.25 6.90 21.45
N GLY A 549 4.57 7.94 20.99
CA GLY A 549 4.41 9.21 21.72
C GLY A 549 3.82 9.00 23.11
N ILE A 550 2.77 8.18 23.21
CA ILE A 550 1.98 7.94 24.45
C ILE A 550 2.76 7.04 25.41
N MET A 551 3.48 6.04 24.87
CA MET A 551 4.19 5.01 25.68
C MET A 551 5.43 5.61 26.34
N GLU A 552 5.80 6.84 26.02
CA GLU A 552 6.99 7.52 26.60
C GLU A 552 6.64 8.09 27.99
N ASN A 553 5.35 8.29 28.29
CA ASN A 553 4.85 8.76 29.61
C ASN A 553 4.66 7.57 30.57
N ILE A 554 4.51 6.36 30.04
CA ILE A 554 4.34 5.10 30.83
C ILE A 554 5.74 4.63 31.25
N SER A 555 5.88 4.11 32.48
CA SER A 555 7.16 3.71 33.11
C SER A 555 7.66 2.38 32.52
N ASP A 556 8.96 2.10 32.67
CA ASP A 556 9.66 0.94 32.05
C ASP A 556 9.05 -0.37 32.57
N ASP A 557 8.72 -0.42 33.87
CA ASP A 557 8.15 -1.61 34.55
C ASP A 557 6.84 -2.01 33.85
N VAL A 558 5.90 -1.06 33.71
CA VAL A 558 4.59 -1.26 33.02
C VAL A 558 4.85 -1.76 31.59
N ILE A 559 5.83 -1.18 30.88
CA ILE A 559 6.13 -1.49 29.46
C ILE A 559 6.72 -2.89 29.37
N VAL A 560 7.71 -3.19 30.22
CA VAL A 560 8.27 -4.57 30.34
C VAL A 560 7.12 -5.50 30.74
N GLY A 561 6.21 -5.03 31.60
CA GLY A 561 4.97 -5.72 31.99
C GLY A 561 4.17 -6.16 30.78
N ARG A 562 3.67 -5.19 30.00
CA ARG A 562 2.83 -5.42 28.79
C ARG A 562 3.59 -6.33 27.82
N CYS A 563 4.93 -6.29 27.81
CA CYS A 563 5.82 -7.09 26.93
C CYS A 563 5.77 -8.57 27.34
N LEU A 564 5.97 -8.83 28.64
CA LEU A 564 6.00 -10.21 29.22
C LEU A 564 4.63 -10.87 29.00
N ALA A 565 3.54 -10.16 29.34
CA ALA A 565 2.16 -10.58 29.08
C ALA A 565 2.04 -11.12 27.64
N ILE A 566 2.39 -10.31 26.66
CA ILE A 566 2.26 -10.64 25.21
C ILE A 566 3.10 -11.89 24.89
N LEU A 567 4.34 -11.94 25.40
CA LEU A 567 5.26 -13.09 25.18
C LEU A 567 4.71 -14.34 25.87
N LYS A 568 4.22 -14.22 27.11
CA LYS A 568 3.60 -15.32 27.91
C LYS A 568 2.47 -15.95 27.07
N GLY A 569 1.60 -15.12 26.51
CA GLY A 569 0.46 -15.53 25.67
C GLY A 569 0.88 -16.38 24.47
N ILE A 570 2.11 -16.21 23.95
CA ILE A 570 2.57 -16.88 22.70
C ILE A 570 3.34 -18.16 23.05
N PHE A 571 4.10 -18.18 24.15
CA PHE A 571 5.04 -19.28 24.50
C PHE A 571 4.66 -19.95 25.82
N GLY A 572 3.69 -19.42 26.57
CA GLY A 572 3.17 -20.00 27.83
C GLY A 572 3.95 -19.53 29.05
N SER A 573 3.25 -19.29 30.17
CA SER A 573 3.75 -18.65 31.41
C SER A 573 5.06 -19.29 31.90
N SER A 574 5.19 -20.61 31.83
CA SER A 574 6.36 -21.37 32.34
C SER A 574 7.62 -21.05 31.52
N ALA A 575 7.46 -20.78 30.22
CA ALA A 575 8.56 -20.58 29.25
C ALA A 575 9.19 -19.19 29.39
N VAL A 576 8.42 -18.17 29.80
CA VAL A 576 8.84 -16.74 29.87
C VAL A 576 9.30 -16.40 31.28
N PRO A 577 10.64 -16.28 31.53
CA PRO A 577 11.15 -15.88 32.84
C PRO A 577 11.09 -14.35 32.98
N GLN A 578 11.54 -13.81 34.12
CA GLN A 578 11.75 -12.34 34.28
C GLN A 578 13.06 -11.99 33.58
N PRO A 579 13.14 -10.86 32.85
CA PRO A 579 14.36 -10.49 32.14
C PRO A 579 15.44 -9.99 33.13
N LYS A 580 16.69 -10.37 32.90
CA LYS A 580 17.87 -9.97 33.71
C LYS A 580 18.11 -8.47 33.56
N GLU A 581 18.07 -7.97 32.32
CA GLU A 581 18.27 -6.54 31.97
C GLU A 581 17.18 -6.09 30.99
N THR A 582 16.55 -4.95 31.28
CA THR A 582 15.54 -4.29 30.43
C THR A 582 16.00 -2.85 30.13
N VAL A 583 15.81 -2.40 28.87
CA VAL A 583 16.08 -1.00 28.41
C VAL A 583 14.91 -0.53 27.54
N VAL A 584 14.45 0.71 27.75
CA VAL A 584 13.31 1.32 27.01
C VAL A 584 13.75 2.69 26.46
N SER A 585 13.83 2.83 25.14
CA SER A 585 14.15 4.09 24.42
C SER A 585 13.01 5.10 24.56
N ARG A 586 13.33 6.39 24.65
CA ARG A 586 12.36 7.52 24.65
C ARG A 586 12.93 8.65 23.78
N TRP A 587 12.90 8.47 22.45
CA TRP A 587 13.60 9.32 21.46
C TRP A 587 12.94 10.69 21.32
N ARG A 588 11.63 10.79 21.54
CA ARG A 588 10.94 12.10 21.42
C ARG A 588 11.33 12.97 22.61
N ALA A 589 11.52 12.35 23.78
CA ALA A 589 11.85 13.04 25.07
C ALA A 589 13.32 13.44 25.08
N ASP A 590 14.16 12.71 24.34
CA ASP A 590 15.62 12.94 24.24
C ASP A 590 15.85 14.30 23.60
N PRO A 591 16.45 15.27 24.33
CA PRO A 591 16.58 16.63 23.81
C PRO A 591 17.66 16.82 22.73
N TRP A 592 18.47 15.79 22.45
CA TRP A 592 19.52 15.78 21.39
C TRP A 592 19.05 14.99 20.16
N ALA A 593 17.76 14.66 20.12
CA ALA A 593 17.09 14.01 18.98
C ALA A 593 15.72 14.66 18.74
N ARG A 594 14.87 14.69 19.76
CA ARG A 594 13.47 15.21 19.70
C ARG A 594 12.66 14.37 18.70
N GLY A 595 12.96 13.07 18.61
CA GLY A 595 12.32 12.12 17.67
C GLY A 595 13.31 11.12 17.10
N SER A 596 12.84 10.23 16.24
CA SER A 596 13.60 9.09 15.69
C SER A 596 14.24 9.47 14.35
N TYR A 597 13.45 9.77 13.34
CA TYR A 597 13.96 10.19 12.00
C TYR A 597 12.87 10.83 11.16
N SER A 598 13.28 11.49 10.08
CA SER A 598 12.41 12.30 9.20
C SER A 598 11.42 11.40 8.46
N TYR A 599 10.26 11.95 8.13
CA TYR A 599 9.27 11.40 7.17
C TYR A 599 8.78 12.54 6.29
N VAL A 600 8.26 12.21 5.10
CA VAL A 600 7.70 13.22 4.17
C VAL A 600 6.27 13.48 4.65
N ALA A 601 6.10 14.55 5.42
CA ALA A 601 4.80 14.95 6.00
C ALA A 601 3.89 15.42 4.87
N ALA A 602 2.58 15.25 5.04
CA ALA A 602 1.57 15.87 4.16
C ALA A 602 1.86 17.37 4.11
N GLY A 603 2.01 17.92 2.91
CA GLY A 603 2.31 19.34 2.69
C GLY A 603 3.79 19.56 2.41
N SER A 604 4.61 18.51 2.55
CA SER A 604 6.07 18.52 2.27
C SER A 604 6.31 17.71 1.00
N SER A 605 7.58 17.62 0.58
CA SER A 605 8.03 16.86 -0.61
C SER A 605 9.53 16.58 -0.49
N GLY A 606 10.11 15.92 -1.49
CA GLY A 606 11.57 15.71 -1.59
C GLY A 606 12.30 17.04 -1.66
N ASN A 607 11.65 18.06 -2.21
CA ASN A 607 12.29 19.39 -2.46
C ASN A 607 12.71 20.05 -1.13
N ASP A 608 12.00 19.78 -0.03
CA ASP A 608 12.31 20.38 1.29
C ASP A 608 13.62 19.81 1.83
N TYR A 609 13.91 18.55 1.51
CA TYR A 609 15.19 17.88 1.86
C TYR A 609 16.35 18.65 1.19
N ASP A 610 16.15 19.08 -0.05
CA ASP A 610 17.15 19.87 -0.83
C ASP A 610 17.28 21.26 -0.21
N LEU A 611 16.16 21.87 0.20
CA LEU A 611 16.19 23.17 0.91
C LEU A 611 16.99 23.02 2.21
N MET A 612 16.79 21.94 2.98
CA MET A 612 17.55 21.72 4.24
C MET A 612 19.04 21.65 3.93
N ALA A 613 19.44 21.08 2.79
CA ALA A 613 20.87 20.88 2.42
C ALA A 613 21.54 22.20 2.02
N GLN A 614 20.78 23.18 1.52
CA GLN A 614 21.33 24.46 0.97
C GLN A 614 22.02 25.25 2.08
N PRO A 615 23.27 25.71 1.85
CA PRO A 615 23.99 26.51 2.84
C PRO A 615 23.49 27.95 2.93
N ILE A 616 23.75 28.61 4.05
CA ILE A 616 23.35 30.02 4.34
C ILE A 616 24.56 30.92 4.09
N THR A 617 24.33 32.02 3.36
CA THR A 617 25.34 33.06 3.08
C THR A 617 24.96 34.29 3.88
N PRO A 618 25.84 34.73 4.81
CA PRO A 618 25.60 35.94 5.59
C PRO A 618 25.48 37.19 4.70
N GLY A 619 24.86 38.25 5.20
CA GLY A 619 24.91 39.60 4.59
C GLY A 619 26.31 40.20 4.72
N PRO A 620 26.64 41.24 3.91
CA PRO A 620 27.91 41.95 4.06
C PRO A 620 27.96 42.74 5.39
N SER A 621 29.14 42.84 5.99
CA SER A 621 29.39 43.62 7.24
C SER A 621 29.10 45.10 6.97
N ILE A 622 29.88 45.71 6.08
CA ILE A 622 29.72 47.12 5.61
C ILE A 622 28.86 47.10 4.35
N PRO A 623 27.81 47.95 4.22
CA PRO A 623 27.00 47.95 3.01
C PRO A 623 27.83 48.36 1.77
N GLY A 624 27.48 47.81 0.61
CA GLY A 624 28.19 48.02 -0.67
C GLY A 624 29.47 47.20 -0.77
N ALA A 625 29.64 46.22 0.11
CA ALA A 625 30.77 45.25 0.11
C ALA A 625 30.37 44.05 -0.74
N PRO A 626 31.34 43.38 -1.40
CA PRO A 626 31.01 42.29 -2.32
C PRO A 626 30.30 41.16 -1.59
N GLN A 627 29.40 40.45 -2.30
CA GLN A 627 28.68 39.22 -1.89
C GLN A 627 29.63 38.26 -1.17
N PRO A 628 29.41 37.97 0.14
CA PRO A 628 30.28 37.06 0.87
C PRO A 628 30.18 35.61 0.38
N ILE A 629 30.98 34.75 0.99
CA ILE A 629 30.98 33.28 0.79
C ILE A 629 29.97 32.65 1.75
N PRO A 630 29.46 31.42 1.49
CA PRO A 630 28.63 30.70 2.46
C PRO A 630 29.43 30.29 3.70
N ARG A 631 28.81 30.40 4.87
CA ARG A 631 29.45 30.19 6.19
C ARG A 631 28.79 29.03 6.93
N LEU A 632 27.46 28.88 6.80
CA LEU A 632 26.65 27.91 7.57
C LEU A 632 26.11 26.83 6.61
N PHE A 633 26.56 25.59 6.80
CA PHE A 633 26.26 24.41 5.95
C PHE A 633 25.44 23.42 6.78
N PHE A 634 24.67 22.55 6.12
CA PHE A 634 23.79 21.58 6.80
C PHE A 634 23.98 20.18 6.20
N ALA A 635 24.14 19.20 7.10
CA ALA A 635 24.19 17.76 6.77
C ALA A 635 23.25 17.03 7.74
N GLY A 636 23.08 15.72 7.53
CA GLY A 636 22.19 14.87 8.32
C GLY A 636 21.12 14.25 7.45
N GLU A 637 20.45 13.22 7.97
CA GLU A 637 19.47 12.39 7.22
C GLU A 637 18.34 13.27 6.66
N HIS A 638 17.98 14.36 7.33
CA HIS A 638 16.92 15.30 6.88
C HIS A 638 17.40 16.18 5.71
N THR A 639 18.66 16.05 5.29
CA THR A 639 19.27 16.89 4.24
C THR A 639 19.49 16.09 2.95
N ILE A 640 19.25 14.78 2.95
CA ILE A 640 19.55 13.91 1.77
C ILE A 640 18.26 13.27 1.23
N ARG A 641 17.74 13.92 0.20
CA ARG A 641 16.44 13.66 -0.47
C ARG A 641 16.32 12.19 -0.92
N ASN A 642 17.40 11.59 -1.42
CA ASN A 642 17.37 10.25 -2.08
C ASN A 642 17.59 9.11 -1.07
N TYR A 643 18.05 9.39 0.16
CA TYR A 643 18.33 8.34 1.19
C TYR A 643 17.99 8.86 2.58
N PRO A 644 16.82 9.52 2.77
CA PRO A 644 16.50 10.11 4.07
C PRO A 644 16.31 9.05 5.16
N ALA A 645 16.37 9.47 6.40
CA ALA A 645 16.03 8.67 7.60
C ALA A 645 16.87 7.39 7.67
N THR A 646 18.12 7.43 7.22
CA THR A 646 19.02 6.25 7.23
C THR A 646 20.42 6.65 7.69
N VAL A 647 21.25 5.66 8.03
CA VAL A 647 22.70 5.85 8.35
C VAL A 647 23.45 6.16 7.05
N HIS A 648 23.23 5.38 6.00
CA HIS A 648 23.87 5.62 4.69
C HIS A 648 23.54 7.04 4.23
N GLY A 649 22.31 7.50 4.46
CA GLY A 649 21.92 8.88 4.11
C GLY A 649 22.74 9.89 4.87
N ALA A 650 22.86 9.72 6.19
CA ALA A 650 23.66 10.59 7.06
C ALA A 650 25.10 10.61 6.53
N LEU A 651 25.74 9.44 6.46
CA LEU A 651 27.09 9.18 5.88
C LEU A 651 27.24 10.03 4.61
N LEU A 652 26.34 9.85 3.64
CA LEU A 652 26.46 10.48 2.30
C LEU A 652 26.33 12.00 2.44
N SER A 653 25.47 12.48 3.34
CA SER A 653 25.19 13.93 3.53
C SER A 653 26.45 14.61 4.07
N GLY A 654 27.17 13.93 4.96
CA GLY A 654 28.46 14.39 5.49
C GLY A 654 29.49 14.54 4.38
N LEU A 655 29.70 13.47 3.61
CA LEU A 655 30.69 13.42 2.51
C LEU A 655 30.41 14.58 1.55
N ARG A 656 29.12 14.82 1.25
CA ARG A 656 28.63 15.90 0.35
C ARG A 656 29.08 17.27 0.87
N GLU A 657 28.83 17.57 2.15
CA GLU A 657 29.11 18.89 2.76
C GLU A 657 30.62 19.08 2.91
N ALA A 658 31.37 18.02 3.19
CA ALA A 658 32.85 18.07 3.22
C ALA A 658 33.35 18.57 1.86
N GLY A 659 32.82 18.02 0.77
CA GLY A 659 33.18 18.41 -0.61
C GLY A 659 32.79 19.85 -0.91
N ARG A 660 31.58 20.25 -0.51
CA ARG A 660 31.04 21.62 -0.77
C ARG A 660 31.90 22.63 0.01
N ILE A 661 32.31 22.27 1.23
CA ILE A 661 33.12 23.16 2.13
C ILE A 661 34.55 23.25 1.61
N ALA A 662 35.20 22.12 1.32
CA ALA A 662 36.55 22.07 0.71
C ALA A 662 36.57 22.91 -0.56
N ASP A 663 35.61 22.70 -1.47
CA ASP A 663 35.52 23.43 -2.77
C ASP A 663 35.53 24.94 -2.50
N GLN A 664 34.90 25.38 -1.41
CA GLN A 664 34.69 26.81 -1.06
C GLN A 664 36.00 27.38 -0.49
N PHE A 665 36.59 26.70 0.49
CA PHE A 665 37.64 27.25 1.40
C PHE A 665 39.05 26.81 0.97
N LEU A 666 39.18 25.74 0.18
CA LEU A 666 40.49 25.28 -0.37
C LEU A 666 40.52 25.49 -1.89
N GLY A 667 39.36 25.76 -2.51
CA GLY A 667 39.21 25.89 -3.98
C GLY A 667 39.16 24.54 -4.66
N ALA A 668 38.49 24.45 -5.82
CA ALA A 668 38.35 23.22 -6.64
C ALA A 668 39.57 23.06 -7.55
N LYS B 9 -6.40 1.75 -14.78
CA LYS B 9 -5.15 1.18 -14.18
C LYS B 9 -5.35 0.72 -12.72
N PRO B 10 -6.56 0.72 -12.08
CA PRO B 10 -6.64 0.36 -10.66
C PRO B 10 -6.33 -1.11 -10.42
N PRO B 11 -5.80 -1.50 -9.25
CA PRO B 11 -5.45 -2.89 -9.00
C PRO B 11 -6.69 -3.79 -9.05
N LYS B 12 -6.51 -5.06 -9.45
CA LYS B 12 -7.59 -6.08 -9.54
C LYS B 12 -8.21 -6.26 -8.15
N GLY B 13 -9.55 -6.29 -8.08
CA GLY B 13 -10.32 -6.50 -6.84
C GLY B 13 -10.47 -5.24 -6.00
N MET B 14 -10.00 -4.10 -6.51
CA MET B 14 -10.22 -2.76 -5.92
C MET B 14 -11.10 -1.99 -6.91
N PHE B 15 -12.06 -1.20 -6.42
CA PHE B 15 -12.99 -0.41 -7.26
C PHE B 15 -12.95 1.06 -6.80
N LEU B 16 -12.46 1.95 -7.68
CA LEU B 16 -12.14 3.37 -7.37
C LEU B 16 -12.49 4.22 -8.59
N SER B 17 -13.70 4.80 -8.63
CA SER B 17 -14.15 5.73 -9.70
C SER B 17 -14.09 7.16 -9.16
N GLN B 18 -13.91 8.14 -10.06
CA GLN B 18 -13.89 9.59 -9.72
C GLN B 18 -15.16 9.92 -8.93
N GLU B 19 -16.32 9.48 -9.41
CA GLU B 19 -17.67 9.74 -8.83
C GLU B 19 -17.71 9.27 -7.37
N ASP B 20 -17.33 8.01 -7.13
CA ASP B 20 -17.37 7.36 -5.79
C ASP B 20 -16.45 8.11 -4.82
N VAL B 21 -15.23 8.44 -5.26
CA VAL B 21 -14.22 9.20 -4.46
C VAL B 21 -14.83 10.55 -4.06
N GLU B 22 -15.38 11.28 -5.04
CA GLU B 22 -16.03 12.61 -4.86
C GLU B 22 -17.21 12.50 -3.87
N ALA B 23 -17.95 11.39 -3.89
CA ALA B 23 -19.18 11.15 -3.08
C ALA B 23 -18.82 10.85 -1.63
N VAL B 24 -17.62 10.32 -1.38
CA VAL B 24 -17.11 9.99 -0.01
C VAL B 24 -16.40 11.22 0.57
N SER B 25 -15.74 12.01 -0.29
CA SER B 25 -14.93 13.20 0.08
C SER B 25 -15.83 14.44 0.29
N ALA B 26 -16.88 14.59 -0.52
CA ALA B 26 -17.81 15.75 -0.58
C ALA B 26 -18.08 16.33 0.82
N ASN B 27 -18.40 15.48 1.79
CA ASN B 27 -18.81 15.85 3.17
C ASN B 27 -17.80 15.26 4.16
N ALA B 28 -17.95 15.54 5.46
CA ALA B 28 -17.12 15.02 6.57
C ALA B 28 -17.68 13.68 7.08
N THR B 29 -18.97 13.41 6.83
CA THR B 29 -19.68 12.16 7.18
C THR B 29 -20.43 11.60 5.96
N ALA B 30 -20.09 12.05 4.74
CA ALA B 30 -20.69 11.58 3.47
C ALA B 30 -20.48 10.07 3.34
N ALA B 31 -19.26 9.59 3.64
CA ALA B 31 -18.86 8.17 3.59
C ALA B 31 -19.86 7.34 4.38
N THR B 32 -20.04 7.65 5.67
CA THR B 32 -20.92 6.93 6.62
C THR B 32 -22.39 7.04 6.19
N THR B 33 -22.80 8.20 5.64
CA THR B 33 -24.15 8.46 5.09
C THR B 33 -24.41 7.51 3.91
N VAL B 34 -23.50 7.47 2.93
CA VAL B 34 -23.60 6.63 1.69
C VAL B 34 -23.72 5.15 2.08
N LEU B 35 -22.98 4.70 3.11
CA LEU B 35 -22.92 3.27 3.53
C LEU B 35 -24.21 2.86 4.25
N ARG B 36 -24.86 3.77 4.99
CA ARG B 36 -26.11 3.45 5.74
C ARG B 36 -27.28 3.40 4.75
N GLN B 37 -27.31 4.29 3.74
CA GLN B 37 -28.39 4.35 2.71
C GLN B 37 -28.38 3.08 1.85
N LEU B 38 -27.21 2.46 1.67
CA LEU B 38 -27.09 1.15 1.00
C LEU B 38 -27.57 0.05 1.95
N ASP B 39 -27.32 0.20 3.27
CA ASP B 39 -27.77 -0.76 4.32
C ASP B 39 -29.30 -0.76 4.38
N MET B 40 -29.92 0.43 4.41
CA MET B 40 -31.39 0.61 4.46
C MET B 40 -32.00 0.14 3.14
N GLU B 41 -31.35 0.42 2.00
CA GLU B 41 -31.75 -0.03 0.64
C GLU B 41 -31.73 -1.57 0.60
N LEU B 42 -30.81 -2.20 1.34
CA LEU B 42 -30.62 -3.68 1.36
C LEU B 42 -31.71 -4.33 2.21
N VAL B 43 -31.94 -3.80 3.42
CA VAL B 43 -33.01 -4.28 4.37
C VAL B 43 -34.37 -4.16 3.66
N SER B 44 -34.57 -3.08 2.91
CA SER B 44 -35.80 -2.77 2.13
C SER B 44 -36.01 -3.81 1.01
N VAL B 45 -34.94 -4.23 0.32
CA VAL B 45 -35.03 -5.22 -0.79
C VAL B 45 -35.20 -6.63 -0.19
N LYS B 46 -34.64 -6.88 1.00
CA LYS B 46 -34.69 -8.22 1.63
C LYS B 46 -36.10 -8.48 2.20
N ARG B 47 -36.78 -7.44 2.71
CA ARG B 47 -38.17 -7.57 3.24
C ARG B 47 -39.16 -7.69 2.06
N GLN B 48 -38.83 -7.09 0.91
CA GLN B 48 -39.66 -7.16 -0.33
C GLN B 48 -39.50 -8.54 -0.98
N ILE B 49 -38.44 -9.29 -0.63
CA ILE B 49 -38.28 -10.71 -1.06
C ILE B 49 -39.22 -11.56 -0.19
N GLN B 50 -39.11 -11.45 1.14
CA GLN B 50 -39.95 -12.20 2.12
C GLN B 50 -41.42 -12.05 1.74
N ASN B 51 -41.82 -10.84 1.34
CA ASN B 51 -43.22 -10.49 0.97
C ASN B 51 -43.66 -11.29 -0.25
N ILE B 52 -42.87 -11.26 -1.33
CA ILE B 52 -43.22 -11.88 -2.64
C ILE B 52 -43.10 -13.41 -2.57
N LYS B 53 -42.15 -13.94 -1.80
CA LYS B 53 -41.93 -15.41 -1.72
C LYS B 53 -43.05 -16.02 -0.85
N GLN B 54 -43.62 -15.22 0.06
CA GLN B 54 -44.78 -15.62 0.92
C GLN B 54 -46.08 -15.52 0.10
N THR B 55 -46.19 -14.51 -0.77
CA THR B 55 -47.25 -14.36 -1.80
C THR B 55 -47.18 -15.54 -2.78
N ASN B 56 -45.97 -15.92 -3.20
CA ASN B 56 -45.73 -16.99 -4.21
C ASN B 56 -46.02 -18.36 -3.58
N SER B 57 -45.77 -18.51 -2.28
CA SER B 57 -46.04 -19.75 -1.50
C SER B 57 -47.54 -20.04 -1.50
N ALA B 58 -48.36 -18.99 -1.36
CA ALA B 58 -49.84 -19.04 -1.35
C ALA B 58 -50.37 -19.49 -2.72
N LEU B 59 -49.80 -18.99 -3.83
CA LEU B 59 -50.24 -19.32 -5.20
C LEU B 59 -49.88 -20.78 -5.53
N LYS B 60 -48.77 -21.28 -4.99
CA LYS B 60 -48.35 -22.71 -5.17
C LYS B 60 -49.35 -23.62 -4.44
N GLU B 61 -49.81 -23.20 -3.25
CA GLU B 61 -50.83 -23.93 -2.45
C GLU B 61 -52.07 -24.15 -3.32
N LYS B 62 -52.53 -23.11 -4.03
CA LYS B 62 -53.76 -23.11 -4.86
C LYS B 62 -53.58 -23.99 -6.10
N LEU B 63 -52.35 -24.18 -6.58
CA LEU B 63 -52.05 -25.03 -7.77
C LEU B 63 -51.74 -26.46 -7.34
N ASP B 64 -51.88 -26.79 -6.06
CA ASP B 64 -51.58 -28.14 -5.51
C ASP B 64 -52.53 -29.15 -6.16
N GLY B 65 -51.97 -30.15 -6.85
CA GLY B 65 -52.70 -31.19 -7.59
C GLY B 65 -52.51 -31.06 -9.09
N GLY B 66 -51.98 -29.92 -9.55
CA GLY B 66 -51.82 -29.59 -10.97
C GLY B 66 -53.16 -29.59 -11.67
N ILE B 67 -53.21 -30.12 -12.89
CA ILE B 67 -54.47 -30.24 -13.69
C ILE B 67 -54.66 -31.70 -14.11
N GLU B 68 -54.18 -32.65 -13.28
CA GLU B 68 -54.22 -34.11 -13.58
C GLU B 68 -55.66 -34.62 -13.49
N PRO B 69 -56.50 -34.14 -12.54
CA PRO B 69 -57.91 -34.52 -12.51
C PRO B 69 -58.75 -34.06 -13.73
N TYR B 70 -58.33 -33.00 -14.41
CA TYR B 70 -59.08 -32.34 -15.52
C TYR B 70 -58.43 -32.68 -16.86
N ARG B 71 -57.44 -33.58 -16.86
CA ARG B 71 -56.68 -33.98 -18.06
C ARG B 71 -57.48 -35.06 -18.81
N LEU B 72 -57.61 -34.93 -20.12
CA LEU B 72 -58.38 -35.85 -20.99
C LEU B 72 -57.44 -36.77 -21.75
N PRO B 73 -57.76 -38.07 -21.89
CA PRO B 73 -56.93 -39.00 -22.66
C PRO B 73 -56.71 -38.56 -24.12
N GLU B 74 -55.57 -38.96 -24.69
CA GLU B 74 -55.12 -38.64 -26.08
C GLU B 74 -55.95 -39.46 -27.07
N VAL B 75 -56.38 -38.83 -28.16
CA VAL B 75 -57.19 -39.46 -29.25
C VAL B 75 -56.22 -40.01 -30.30
N ILE B 76 -56.26 -41.31 -30.57
CA ILE B 76 -55.33 -42.02 -31.50
C ILE B 76 -56.01 -42.23 -32.86
N GLN B 77 -56.93 -41.33 -33.27
CA GLN B 77 -57.80 -41.49 -34.48
C GLN B 77 -56.99 -41.17 -35.75
N LYS B 78 -57.14 -42.00 -36.78
CA LYS B 78 -56.31 -42.00 -38.03
C LYS B 78 -57.02 -41.19 -39.12
N CYS B 79 -56.43 -40.06 -39.52
CA CYS B 79 -56.92 -39.11 -40.57
C CYS B 79 -57.44 -39.89 -41.80
N ASN B 80 -58.63 -39.53 -42.29
CA ASN B 80 -59.35 -40.18 -43.43
C ASN B 80 -59.69 -39.10 -44.47
N ALA B 81 -59.57 -39.43 -45.76
CA ALA B 81 -59.72 -38.51 -46.91
C ALA B 81 -61.19 -38.28 -47.26
N ARG B 82 -62.06 -39.26 -46.99
CA ARG B 82 -63.52 -39.24 -47.28
C ARG B 82 -64.24 -38.36 -46.25
N TRP B 83 -65.04 -37.39 -46.72
CA TRP B 83 -65.85 -36.45 -45.89
C TRP B 83 -67.27 -36.99 -45.68
N THR B 84 -67.58 -37.49 -44.48
CA THR B 84 -68.95 -37.92 -44.08
C THR B 84 -69.82 -36.68 -43.84
N THR B 85 -71.14 -36.83 -43.94
CA THR B 85 -72.12 -35.74 -43.72
C THR B 85 -71.94 -35.18 -42.31
N GLU B 86 -71.68 -36.04 -41.32
CA GLU B 86 -71.40 -35.66 -39.92
C GLU B 86 -70.21 -34.69 -39.90
N GLU B 87 -69.10 -35.14 -40.50
CA GLU B 87 -67.81 -34.39 -40.55
C GLU B 87 -68.05 -33.01 -41.19
N GLN B 88 -68.83 -32.94 -42.27
CA GLN B 88 -69.18 -31.67 -42.95
C GLN B 88 -69.89 -30.73 -41.97
N LEU B 89 -70.84 -31.26 -41.20
CA LEU B 89 -71.69 -30.48 -40.26
C LEU B 89 -70.85 -30.05 -39.06
N LEU B 90 -69.99 -30.92 -38.53
CA LEU B 90 -69.00 -30.57 -37.48
C LEU B 90 -68.16 -29.38 -37.96
N ALA B 91 -67.66 -29.47 -39.20
CA ALA B 91 -66.78 -28.46 -39.85
C ALA B 91 -67.49 -27.10 -39.89
N VAL B 92 -68.70 -27.06 -40.46
CA VAL B 92 -69.47 -25.79 -40.63
C VAL B 92 -69.66 -25.11 -39.27
N GLN B 93 -69.88 -25.90 -38.21
CA GLN B 93 -70.06 -25.41 -36.81
C GLN B 93 -68.71 -24.95 -36.26
N ALA B 94 -67.63 -25.67 -36.61
CA ALA B 94 -66.24 -25.33 -36.25
C ALA B 94 -65.85 -23.99 -36.90
N ILE B 95 -66.24 -23.80 -38.16
CA ILE B 95 -66.03 -22.54 -38.93
C ILE B 95 -66.84 -21.42 -38.26
N ARG B 96 -67.97 -21.77 -37.62
CA ARG B 96 -68.87 -20.78 -36.97
C ARG B 96 -68.26 -20.34 -35.63
N LYS B 97 -67.67 -21.26 -34.86
CA LYS B 97 -67.19 -21.01 -33.47
C LYS B 97 -65.76 -20.45 -33.53
N TYR B 98 -64.87 -21.13 -34.26
CA TYR B 98 -63.48 -20.70 -34.57
C TYR B 98 -63.48 -20.01 -35.93
N GLY B 99 -62.52 -19.13 -36.19
CA GLY B 99 -62.47 -18.32 -37.43
C GLY B 99 -61.85 -19.10 -38.58
N ARG B 100 -60.67 -18.65 -39.03
CA ARG B 100 -59.83 -19.33 -40.06
C ARG B 100 -58.77 -20.19 -39.36
N ASP B 101 -58.92 -20.44 -38.05
CA ASP B 101 -58.01 -21.29 -37.25
C ASP B 101 -58.14 -22.74 -37.74
N PHE B 102 -57.52 -23.03 -38.90
CA PHE B 102 -57.60 -24.35 -39.59
C PHE B 102 -57.19 -25.48 -38.63
N GLN B 103 -56.32 -25.18 -37.66
CA GLN B 103 -55.71 -26.18 -36.74
C GLN B 103 -56.80 -26.70 -35.78
N ALA B 104 -57.49 -25.79 -35.09
CA ALA B 104 -58.57 -26.09 -34.13
C ALA B 104 -59.67 -26.92 -34.83
N ILE B 105 -60.05 -26.50 -36.03
CA ILE B 105 -61.16 -27.13 -36.83
C ILE B 105 -60.80 -28.59 -37.11
N SER B 106 -59.56 -28.88 -37.48
CA SER B 106 -59.02 -30.25 -37.69
C SER B 106 -59.13 -31.04 -36.38
N ASP B 107 -58.78 -30.44 -35.25
CA ASP B 107 -58.77 -31.10 -33.91
C ASP B 107 -60.20 -31.50 -33.53
N VAL B 108 -61.18 -30.61 -33.76
CA VAL B 108 -62.64 -30.82 -33.48
C VAL B 108 -63.12 -32.05 -34.25
N ILE B 109 -62.92 -32.06 -35.57
CA ILE B 109 -63.39 -33.14 -36.48
C ILE B 109 -62.69 -34.45 -36.11
N GLY B 110 -61.35 -34.42 -36.02
CA GLY B 110 -60.52 -35.48 -35.43
C GLY B 110 -59.91 -36.43 -36.45
N ASN B 111 -60.35 -36.37 -37.71
CA ASN B 111 -59.86 -37.23 -38.81
C ASN B 111 -59.82 -36.41 -40.11
N LYS B 112 -59.28 -35.19 -40.04
CA LYS B 112 -59.06 -34.29 -41.20
C LYS B 112 -57.79 -33.47 -40.93
N SER B 113 -56.77 -33.62 -41.77
CA SER B 113 -55.50 -32.85 -41.73
C SER B 113 -55.79 -31.38 -42.08
N VAL B 114 -54.84 -30.49 -41.80
CA VAL B 114 -54.96 -29.02 -42.05
C VAL B 114 -55.05 -28.79 -43.56
N VAL B 115 -54.36 -29.63 -44.35
CA VAL B 115 -54.39 -29.65 -45.84
C VAL B 115 -55.84 -29.90 -46.30
N GLN B 116 -56.44 -30.99 -45.82
CA GLN B 116 -57.84 -31.41 -46.14
C GLN B 116 -58.82 -30.29 -45.77
N VAL B 117 -58.69 -29.73 -44.56
CA VAL B 117 -59.55 -28.64 -44.02
C VAL B 117 -59.38 -27.39 -44.88
N LYS B 118 -58.14 -27.11 -45.34
CA LYS B 118 -57.81 -25.97 -46.24
C LYS B 118 -58.72 -26.04 -47.47
N ASN B 119 -58.78 -27.20 -48.14
CA ASN B 119 -59.53 -27.41 -49.41
C ASN B 119 -61.03 -27.28 -49.18
N PHE B 120 -61.54 -27.84 -48.08
CA PHE B 120 -62.98 -27.82 -47.69
C PHE B 120 -63.59 -26.46 -48.00
N PHE B 121 -62.91 -25.37 -47.59
CA PHE B 121 -63.38 -23.97 -47.72
C PHE B 121 -63.72 -23.63 -49.17
N VAL B 122 -62.85 -24.02 -50.11
CA VAL B 122 -62.96 -23.65 -51.55
C VAL B 122 -64.09 -24.48 -52.19
N ASN B 123 -64.15 -25.78 -51.90
CA ASN B 123 -65.12 -26.75 -52.47
C ASN B 123 -66.55 -26.35 -52.08
N TYR B 124 -66.77 -26.10 -50.78
CA TYR B 124 -68.10 -25.95 -50.16
C TYR B 124 -68.44 -24.48 -49.90
N ARG B 125 -67.53 -23.55 -50.24
CA ARG B 125 -67.78 -22.09 -50.13
C ARG B 125 -69.20 -21.79 -50.62
N ARG B 126 -69.52 -22.29 -51.81
CA ARG B 126 -70.82 -22.10 -52.52
C ARG B 126 -71.95 -22.78 -51.73
N ARG B 127 -71.76 -24.05 -51.34
CA ARG B 127 -72.84 -24.97 -50.88
C ARG B 127 -73.17 -24.75 -49.38
N PHE B 128 -72.18 -24.38 -48.57
CA PHE B 128 -72.34 -24.14 -47.10
C PHE B 128 -72.16 -22.65 -46.78
N ASN B 129 -72.46 -21.77 -47.75
CA ASN B 129 -72.38 -20.28 -47.62
C ASN B 129 -71.30 -19.89 -46.59
N ILE B 130 -70.06 -20.37 -46.77
CA ILE B 130 -68.97 -20.22 -45.75
C ILE B 130 -68.63 -18.74 -45.57
N ASP B 131 -68.78 -17.92 -46.61
CA ASP B 131 -68.59 -16.45 -46.55
C ASP B 131 -69.53 -15.87 -45.49
N GLU B 132 -70.82 -16.24 -45.54
CA GLU B 132 -71.87 -15.84 -44.56
C GLU B 132 -71.48 -16.31 -43.15
N VAL B 133 -70.99 -17.55 -43.03
CA VAL B 133 -70.63 -18.19 -41.72
C VAL B 133 -69.47 -17.41 -41.09
N LEU B 134 -68.47 -17.01 -41.89
CA LEU B 134 -67.31 -16.22 -41.41
C LEU B 134 -67.77 -14.83 -40.96
N GLN B 135 -68.68 -14.20 -41.71
CA GLN B 135 -69.28 -12.87 -41.36
C GLN B 135 -69.99 -12.94 -40.00
N GLU B 136 -70.70 -14.05 -39.73
CA GLU B 136 -71.42 -14.31 -38.46
C GLU B 136 -70.41 -14.47 -37.31
N TRP B 137 -69.27 -15.11 -37.57
CA TRP B 137 -68.19 -15.34 -36.56
C TRP B 137 -67.49 -14.01 -36.22
N GLU B 138 -67.33 -13.13 -37.21
CA GLU B 138 -66.63 -11.83 -37.07
C GLU B 138 -67.49 -10.86 -36.24
N ALA B 139 -68.81 -10.88 -36.43
CA ALA B 139 -69.80 -9.97 -35.80
C ALA B 139 -69.82 -10.13 -34.26
N GLU B 140 -69.64 -11.35 -33.76
CA GLU B 140 -69.70 -11.68 -32.30
C GLU B 140 -68.69 -10.82 -31.52
N PRO C 1 11.38 5.49 6.19
CA PRO C 1 11.00 5.30 4.77
C PRO C 1 10.48 3.89 4.46
N ARG C 2 10.04 3.68 3.21
CA ARG C 2 9.45 2.39 2.75
C ARG C 2 10.40 1.22 3.04
N SER C 3 11.70 1.39 2.77
CA SER C 3 12.72 0.31 2.83
C SER C 3 12.76 -0.37 4.20
N PHE C 4 12.27 0.26 5.26
CA PHE C 4 12.34 -0.29 6.64
C PHE C 4 11.26 -1.38 6.87
N LEU C 5 10.19 -1.39 6.05
CA LEU C 5 9.06 -2.36 6.12
C LEU C 5 9.57 -3.79 6.25
N VAL C 6 8.97 -4.58 7.14
CA VAL C 6 9.28 -6.03 7.31
C VAL C 6 8.54 -6.81 6.21
N ARG C 7 9.14 -7.91 5.76
CA ARG C 7 8.66 -8.83 4.69
C ARG C 7 8.00 -8.01 3.55
N LYS C 8 8.74 -7.05 3.01
CA LYS C 8 8.33 -6.19 1.86
C LYS C 8 8.27 -7.04 0.58
N ARG C 9 7.12 -7.05 -0.10
CA ARG C 9 6.85 -7.93 -1.27
C ARG C 9 5.96 -7.20 -2.29
#